data_1Q9J
#
_entry.id   1Q9J
#
_cell.length_a   172.982
_cell.length_b   172.982
_cell.length_c   80.535
_cell.angle_alpha   90.00
_cell.angle_beta   90.00
_cell.angle_gamma   120.00
#
_symmetry.space_group_name_H-M   'P 31 2 1'
#
loop_
_entity.id
_entity.type
_entity.pdbx_description
1 polymer 'Polyketide synthase associated protein 5'
2 water water
#
_entity_poly.entity_id   1
_entity_poly.type   'polypeptide(L)'
_entity_poly.pdbx_seq_one_letter_code
;MFPGSVIRKLSHSEEVFAQYEVFTSMTIQLRGVIDVDALSDAFDALLETHPVLASHLEQSSDGGWNLVADDLLHSGICVI
DGTAATNGSPSGNAELRLDQSVSLLHLQLILREGGAELTLYLHHCMADGHHGAVLVDELFSRYTDAVTTGDPGPITPQPT
PLSMEAVLAQRGIRKQGLSGAERFMSVMYAYEIPATETPAVLAHPGLPQAVPVTRLWLSKQQTSDLMAFGREHRLSLNAV
VAAAILLTEWQLRNTPHVPIPYVYPVDLRFVLAPPVAPTEATNLLGAASYLAEIGPNTDIVDLASDIVATLRADLANGVI
QQSGLHFGTAFEGTPPGLPPLVFCTDATSFPTMRTPPGLEIEDIKGQFYCSISVPLDLYSCAVYAGQLIIEHHGHIAEPG
KSLEAIRSLLCTVPSEYGWIME
;
_entity_poly.pdbx_strand_id   A,B
#
# COMPACT_ATOMS: atom_id res chain seq x y z
N MET A 1 38.22 5.96 -31.06
CA MET A 1 39.20 5.50 -32.08
C MET A 1 40.57 6.17 -31.86
N PHE A 2 41.20 6.59 -32.96
CA PHE A 2 42.50 7.26 -32.93
C PHE A 2 42.35 8.70 -32.45
N PRO A 3 43.30 9.18 -31.62
CA PRO A 3 43.21 10.56 -31.14
C PRO A 3 43.10 11.54 -32.30
N GLY A 4 42.16 12.47 -32.16
CA GLY A 4 41.94 13.44 -33.21
C GLY A 4 40.65 13.10 -33.93
N SER A 5 40.28 11.82 -33.93
CA SER A 5 39.06 11.42 -34.62
C SER A 5 37.80 11.63 -33.78
N VAL A 6 36.67 11.78 -34.46
CA VAL A 6 35.39 11.98 -33.79
C VAL A 6 34.85 10.65 -33.27
N ILE A 7 34.58 10.60 -31.97
CA ILE A 7 34.03 9.38 -31.36
C ILE A 7 32.55 9.28 -31.71
N ARG A 8 31.82 10.33 -31.37
CA ARG A 8 30.41 10.39 -31.68
C ARG A 8 29.91 11.79 -31.32
N LYS A 9 28.84 12.22 -31.98
CA LYS A 9 28.25 13.51 -31.73
C LYS A 9 27.45 13.34 -30.41
N LEU A 10 27.25 14.42 -29.66
CA LEU A 10 26.48 14.29 -28.41
C LEU A 10 25.01 14.27 -28.74
N SER A 11 24.24 13.54 -27.94
CA SER A 11 22.80 13.43 -28.12
C SER A 11 22.16 14.67 -27.50
N HIS A 12 21.02 15.10 -28.04
CA HIS A 12 20.35 16.31 -27.53
C HIS A 12 20.27 16.38 -26.01
N SER A 13 20.16 15.22 -25.38
CA SER A 13 20.08 15.15 -23.93
C SER A 13 21.42 15.53 -23.26
N GLU A 14 22.52 15.24 -23.93
CA GLU A 14 23.85 15.53 -23.40
C GLU A 14 24.30 16.98 -23.64
N GLU A 15 23.81 17.57 -24.73
CA GLU A 15 24.17 18.95 -25.07
C GLU A 15 23.93 19.95 -23.98
N VAL A 16 22.98 19.70 -23.09
CA VAL A 16 22.77 20.67 -22.03
C VAL A 16 24.11 20.90 -21.33
N PHE A 17 24.79 19.82 -20.97
CA PHE A 17 26.07 19.93 -20.26
C PHE A 17 27.18 20.58 -21.07
N ALA A 18 27.08 20.51 -22.40
CA ALA A 18 28.10 21.17 -23.22
C ALA A 18 27.71 22.67 -23.35
N GLN A 19 26.42 22.92 -23.55
CA GLN A 19 25.93 24.29 -23.67
C GLN A 19 26.20 25.15 -22.42
N TYR A 20 26.36 24.52 -21.26
CA TYR A 20 26.66 25.26 -20.02
C TYR A 20 27.97 24.77 -19.43
N GLU A 21 28.85 24.23 -20.27
CA GLU A 21 30.14 23.71 -19.82
C GLU A 21 30.01 23.08 -18.44
N VAL A 22 29.06 22.18 -18.25
CA VAL A 22 28.86 21.57 -16.94
C VAL A 22 29.89 20.49 -16.57
N PHE A 23 30.52 20.66 -15.42
CA PHE A 23 31.48 19.71 -14.89
C PHE A 23 31.00 19.38 -13.48
N THR A 24 31.27 18.16 -13.05
CA THR A 24 30.87 17.72 -11.72
C THR A 24 32.14 17.38 -10.99
N SER A 25 32.21 17.74 -9.72
CA SER A 25 33.39 17.42 -8.92
C SER A 25 32.96 16.61 -7.71
N MET A 26 33.89 15.81 -7.24
CA MET A 26 33.67 14.95 -6.10
C MET A 26 34.95 15.00 -5.29
N THR A 27 34.85 15.54 -4.08
CA THR A 27 35.99 15.69 -3.21
C THR A 27 35.90 14.84 -1.96
N ILE A 28 36.94 14.05 -1.75
CA ILE A 28 37.03 13.19 -0.60
C ILE A 28 38.13 13.72 0.31
N GLN A 29 37.75 14.15 1.51
CA GLN A 29 38.70 14.65 2.48
C GLN A 29 39.37 13.42 3.10
N LEU A 30 40.69 13.31 3.02
CA LEU A 30 41.34 12.15 3.59
C LEU A 30 42.21 12.42 4.82
N ARG A 31 42.63 11.33 5.47
CA ARG A 31 43.48 11.38 6.64
C ARG A 31 44.37 10.15 6.62
N GLY A 32 45.67 10.38 6.45
CA GLY A 32 46.62 9.27 6.38
C GLY A 32 47.63 9.48 5.28
N VAL A 33 48.31 8.42 4.90
CA VAL A 33 49.33 8.49 3.86
C VAL A 33 48.86 8.10 2.46
N ILE A 34 48.85 9.08 1.56
CA ILE A 34 48.44 8.89 0.18
C ILE A 34 49.63 8.46 -0.67
N ASP A 35 49.68 7.18 -1.03
CA ASP A 35 50.78 6.65 -1.85
C ASP A 35 50.59 7.10 -3.29
N VAL A 36 50.82 8.38 -3.53
CA VAL A 36 50.66 8.98 -4.86
C VAL A 36 51.01 8.09 -6.06
N ASP A 37 52.15 7.40 -6.02
CA ASP A 37 52.54 6.54 -7.15
C ASP A 37 51.47 5.52 -7.48
N ALA A 38 50.94 4.87 -6.44
CA ALA A 38 49.90 3.85 -6.58
C ALA A 38 48.60 4.49 -7.05
N LEU A 39 48.30 5.68 -6.52
CA LEU A 39 47.09 6.41 -6.87
C LEU A 39 47.11 6.75 -8.36
N SER A 40 48.26 7.17 -8.86
CA SER A 40 48.38 7.53 -10.26
C SER A 40 48.15 6.30 -11.12
N ASP A 41 48.60 5.13 -10.65
CA ASP A 41 48.41 3.90 -11.40
C ASP A 41 46.92 3.56 -11.52
N ALA A 42 46.20 3.79 -10.43
CA ALA A 42 44.77 3.53 -10.35
C ALA A 42 44.04 4.45 -11.34
N PHE A 43 44.41 5.73 -11.31
CA PHE A 43 43.80 6.70 -12.22
C PHE A 43 44.09 6.28 -13.67
N ASP A 44 45.34 5.90 -13.97
CA ASP A 44 45.70 5.48 -15.32
C ASP A 44 44.94 4.21 -15.72
N ALA A 45 44.80 3.28 -14.78
CA ALA A 45 44.10 2.00 -15.02
C ALA A 45 42.62 2.28 -15.31
N LEU A 46 42.04 3.17 -14.50
CA LEU A 46 40.66 3.56 -14.66
C LEU A 46 40.47 4.11 -16.07
N LEU A 47 41.29 5.09 -16.44
CA LEU A 47 41.19 5.67 -17.77
C LEU A 47 41.26 4.65 -18.88
N GLU A 48 41.99 3.58 -18.68
CA GLU A 48 42.08 2.58 -19.73
C GLU A 48 40.81 1.76 -19.80
N THR A 49 40.03 1.78 -18.73
CA THR A 49 38.80 1.04 -18.73
C THR A 49 37.68 1.86 -19.33
N HIS A 50 37.87 3.17 -19.33
CA HIS A 50 36.88 4.08 -19.87
C HIS A 50 37.57 5.07 -20.79
N PRO A 51 38.16 4.57 -21.88
CA PRO A 51 38.86 5.46 -22.80
C PRO A 51 38.10 6.65 -23.38
N VAL A 52 36.82 6.74 -23.11
CA VAL A 52 36.05 7.88 -23.64
C VAL A 52 36.44 9.15 -22.87
N LEU A 53 36.65 8.98 -21.56
CA LEU A 53 37.03 10.07 -20.68
C LEU A 53 38.27 10.80 -21.21
N ALA A 54 39.00 10.14 -22.10
CA ALA A 54 40.18 10.76 -22.66
C ALA A 54 39.83 11.53 -23.90
N SER A 55 38.90 12.45 -23.80
CA SER A 55 38.53 13.22 -24.97
C SER A 55 38.13 14.63 -24.60
N HIS A 56 37.54 15.32 -25.57
CA HIS A 56 37.10 16.68 -25.39
C HIS A 56 35.98 16.95 -26.36
N LEU A 57 35.37 18.14 -26.24
CA LEU A 57 34.26 18.51 -27.11
C LEU A 57 34.64 19.57 -28.12
N GLU A 58 34.05 19.47 -29.30
CA GLU A 58 34.27 20.42 -30.37
C GLU A 58 32.93 20.71 -31.02
N GLN A 59 32.51 21.96 -31.03
CA GLN A 59 31.22 22.28 -31.63
C GLN A 59 31.30 22.21 -33.15
N SER A 60 30.59 21.25 -33.72
CA SER A 60 30.56 21.04 -35.17
C SER A 60 29.92 22.20 -35.89
N SER A 61 30.18 22.27 -37.20
CA SER A 61 29.62 23.32 -38.04
C SER A 61 28.10 23.21 -37.98
N ASP A 62 27.62 21.97 -37.84
CA ASP A 62 26.20 21.65 -37.78
C ASP A 62 25.58 21.98 -36.42
N GLY A 63 26.06 23.05 -35.78
CA GLY A 63 25.53 23.45 -34.49
C GLY A 63 25.72 22.48 -33.33
N GLY A 64 25.82 21.18 -33.66
CA GLY A 64 25.99 20.17 -32.63
C GLY A 64 27.39 20.07 -32.06
N TRP A 65 27.55 19.20 -31.08
CA TRP A 65 28.83 19.00 -30.44
C TRP A 65 29.44 17.64 -30.70
N ASN A 66 30.73 17.65 -31.03
CA ASN A 66 31.47 16.43 -31.28
C ASN A 66 32.33 16.06 -30.10
N LEU A 67 32.35 14.78 -29.81
CA LEU A 67 33.18 14.25 -28.76
C LEU A 67 34.37 13.77 -29.59
N VAL A 68 35.51 14.45 -29.44
CA VAL A 68 36.72 14.10 -30.19
C VAL A 68 37.67 13.37 -29.28
N ALA A 69 38.32 12.34 -29.81
CA ALA A 69 39.22 11.55 -28.98
C ALA A 69 40.61 12.17 -28.81
N ASP A 70 41.18 11.90 -27.65
CA ASP A 70 42.50 12.36 -27.31
C ASP A 70 43.39 11.15 -27.03
N ASP A 71 44.53 11.41 -26.41
CA ASP A 71 45.49 10.37 -26.07
C ASP A 71 45.45 10.20 -24.56
N LEU A 72 45.87 9.04 -24.08
CA LEU A 72 45.87 8.80 -22.65
C LEU A 72 47.25 9.13 -22.09
N LEU A 73 48.22 9.35 -22.98
CA LEU A 73 49.59 9.67 -22.57
C LEU A 73 49.71 11.04 -21.88
N HIS A 74 48.69 11.88 -22.02
CA HIS A 74 48.76 13.19 -21.39
C HIS A 74 48.00 13.25 -20.07
N SER A 75 46.92 12.47 -19.94
CA SER A 75 46.13 12.47 -18.72
C SER A 75 46.79 11.74 -17.54
N GLY A 76 47.15 12.53 -16.52
CA GLY A 76 47.77 12.00 -15.33
C GLY A 76 47.26 12.77 -14.14
N ILE A 77 47.54 12.28 -12.94
CA ILE A 77 47.07 12.96 -11.74
C ILE A 77 47.78 14.30 -11.59
N CYS A 78 47.31 15.09 -10.66
CA CYS A 78 47.88 16.40 -10.43
C CYS A 78 48.01 16.62 -8.94
N VAL A 79 49.21 16.39 -8.41
CA VAL A 79 49.46 16.54 -6.97
C VAL A 79 49.81 17.98 -6.59
N ILE A 80 49.29 18.43 -5.45
CA ILE A 80 49.56 19.79 -4.98
C ILE A 80 49.84 19.83 -3.49
N ASP A 81 50.55 20.87 -3.03
CA ASP A 81 50.89 20.99 -1.62
C ASP A 81 50.28 22.25 -1.00
N ALA A 94 41.96 28.99 -6.53
CA ALA A 94 41.46 28.21 -7.65
C ALA A 94 42.55 27.29 -8.21
N GLU A 95 43.51 27.88 -8.92
CA GLU A 95 44.61 27.11 -9.50
C GLU A 95 44.12 25.92 -10.32
N LEU A 96 43.42 26.21 -11.42
CA LEU A 96 42.90 25.19 -12.35
C LEU A 96 41.85 25.76 -13.31
N ARG A 97 41.93 25.32 -14.55
CA ARG A 97 41.03 25.77 -15.59
C ARG A 97 40.39 24.60 -16.33
N LEU A 98 39.11 24.38 -16.06
CA LEU A 98 38.37 23.31 -16.69
C LEU A 98 37.91 23.81 -18.05
N ASP A 99 38.16 23.02 -19.09
CA ASP A 99 37.77 23.43 -20.43
C ASP A 99 37.31 22.25 -21.28
N GLN A 100 36.04 22.27 -21.70
CA GLN A 100 35.47 21.22 -22.53
C GLN A 100 36.31 20.90 -23.76
N SER A 101 36.67 21.94 -24.50
CA SER A 101 37.46 21.81 -25.72
C SER A 101 38.80 21.14 -25.48
N VAL A 102 39.22 21.07 -24.22
CA VAL A 102 40.49 20.46 -23.90
C VAL A 102 40.41 19.09 -23.24
N SER A 103 39.93 19.03 -22.01
CA SER A 103 39.84 17.75 -21.27
C SER A 103 38.47 17.62 -20.61
N LEU A 104 38.07 16.40 -20.26
CA LEU A 104 36.76 16.23 -19.60
C LEU A 104 36.92 15.54 -18.27
N LEU A 105 38.16 15.27 -17.89
CA LEU A 105 38.45 14.58 -16.65
C LEU A 105 39.75 15.11 -16.04
N HIS A 106 39.72 15.31 -14.73
CA HIS A 106 40.86 15.84 -13.97
C HIS A 106 40.88 15.22 -12.57
N LEU A 107 42.01 14.62 -12.20
CA LEU A 107 42.13 14.05 -10.86
C LEU A 107 43.12 14.91 -10.08
N GLN A 108 42.59 15.70 -9.15
CA GLN A 108 43.43 16.61 -8.37
C GLN A 108 43.65 16.19 -6.91
N LEU A 109 44.89 15.86 -6.57
CA LEU A 109 45.24 15.46 -5.21
C LEU A 109 46.03 16.55 -4.49
N ILE A 110 45.48 17.05 -3.39
CA ILE A 110 46.15 18.09 -2.62
C ILE A 110 46.61 17.58 -1.25
N LEU A 111 47.93 17.37 -1.11
CA LEU A 111 48.51 16.88 0.14
C LEU A 111 48.32 17.88 1.27
N ARG A 112 48.01 17.35 2.46
CA ARG A 112 47.79 18.16 3.65
C ARG A 112 48.44 17.52 4.88
N GLU A 113 47.96 17.92 6.06
CA GLU A 113 48.47 17.41 7.33
C GLU A 113 48.39 15.90 7.45
N GLY A 114 47.36 15.41 8.14
CA GLY A 114 47.18 13.98 8.31
C GLY A 114 46.84 13.36 6.97
N GLY A 115 45.85 13.94 6.30
CA GLY A 115 45.44 13.44 5.00
C GLY A 115 45.30 14.56 4.00
N ALA A 116 45.17 14.18 2.73
CA ALA A 116 45.04 15.12 1.62
C ALA A 116 43.59 15.22 1.14
N GLU A 117 43.38 15.93 0.03
CA GLU A 117 42.06 16.07 -0.56
C GLU A 117 42.06 15.50 -1.98
N LEU A 118 41.26 14.49 -2.21
CA LEU A 118 41.16 13.88 -3.53
C LEU A 118 39.95 14.51 -4.18
N THR A 119 40.11 14.99 -5.41
CA THR A 119 39.00 15.62 -6.12
C THR A 119 38.98 15.21 -7.57
N LEU A 120 37.87 14.65 -8.00
CA LEU A 120 37.70 14.22 -9.37
C LEU A 120 36.76 15.16 -10.09
N TYR A 121 37.17 15.61 -11.27
CA TYR A 121 36.36 16.50 -12.08
C TYR A 121 35.95 15.73 -13.31
N LEU A 122 34.65 15.75 -13.58
CA LEU A 122 34.11 14.99 -14.67
C LEU A 122 33.05 15.78 -15.41
N HIS A 123 33.22 15.90 -16.71
CA HIS A 123 32.23 16.62 -17.48
C HIS A 123 30.93 15.81 -17.43
N HIS A 124 29.83 16.50 -17.11
CA HIS A 124 28.52 15.84 -16.98
C HIS A 124 27.97 15.15 -18.23
N CYS A 125 28.54 15.45 -19.39
CA CYS A 125 28.07 14.83 -20.60
C CYS A 125 28.59 13.38 -20.65
N MET A 126 29.43 13.03 -19.69
CA MET A 126 29.95 11.68 -19.68
C MET A 126 29.41 10.83 -18.57
N ALA A 127 28.62 11.42 -17.68
CA ALA A 127 28.10 10.64 -16.58
C ALA A 127 27.17 11.44 -15.71
N ASP A 128 26.12 10.77 -15.25
CA ASP A 128 25.22 11.43 -14.34
C ASP A 128 25.74 11.02 -12.96
N GLY A 129 25.00 11.38 -11.93
CA GLY A 129 25.43 11.06 -10.58
C GLY A 129 25.80 9.61 -10.36
N HIS A 130 24.97 8.70 -10.84
CA HIS A 130 25.20 7.27 -10.66
C HIS A 130 26.46 6.79 -11.41
N HIS A 131 26.54 7.10 -12.70
CA HIS A 131 27.67 6.72 -13.53
C HIS A 131 28.97 7.24 -12.89
N GLY A 132 28.97 8.51 -12.49
CA GLY A 132 30.15 9.10 -11.87
C GLY A 132 30.54 8.43 -10.57
N ALA A 133 29.56 8.25 -9.69
CA ALA A 133 29.81 7.61 -8.40
C ALA A 133 30.50 6.26 -8.63
N VAL A 134 30.03 5.52 -9.64
CA VAL A 134 30.61 4.23 -9.96
C VAL A 134 32.10 4.37 -10.31
N LEU A 135 32.45 5.43 -11.04
CA LEU A 135 33.82 5.70 -11.42
C LEU A 135 34.64 5.99 -10.17
N VAL A 136 34.18 6.96 -9.40
CA VAL A 136 34.82 7.38 -8.15
C VAL A 136 35.07 6.15 -7.28
N ASP A 137 34.11 5.23 -7.26
CA ASP A 137 34.24 4.03 -6.47
C ASP A 137 35.28 3.08 -7.11
N GLU A 138 35.28 3.01 -8.44
CA GLU A 138 36.24 2.20 -9.14
C GLU A 138 37.67 2.68 -8.82
N LEU A 139 37.88 3.99 -8.93
CA LEU A 139 39.17 4.60 -8.64
C LEU A 139 39.73 4.11 -7.30
N PHE A 140 38.98 4.33 -6.21
CA PHE A 140 39.41 3.90 -4.89
C PHE A 140 39.56 2.37 -4.81
N SER A 141 38.78 1.64 -5.60
CA SER A 141 38.87 0.20 -5.57
C SER A 141 40.23 -0.19 -6.15
N ARG A 142 40.68 0.56 -7.15
CA ARG A 142 41.96 0.27 -7.78
C ARG A 142 43.12 0.77 -6.94
N TYR A 143 42.90 1.87 -6.22
CA TYR A 143 43.96 2.41 -5.38
C TYR A 143 44.27 1.38 -4.29
N THR A 144 43.22 0.89 -3.63
CA THR A 144 43.38 -0.11 -2.59
C THR A 144 44.12 -1.33 -3.16
N ASP A 145 43.80 -1.72 -4.39
CA ASP A 145 44.47 -2.85 -5.01
C ASP A 145 45.86 -2.45 -5.45
N ALA A 146 46.08 -1.14 -5.58
CA ALA A 146 47.37 -0.62 -6.01
C ALA A 146 48.36 -0.53 -4.84
N VAL A 147 47.83 -0.23 -3.66
CA VAL A 147 48.65 -0.11 -2.45
C VAL A 147 48.79 -1.50 -1.83
N THR A 148 47.68 -2.23 -1.75
CA THR A 148 47.69 -3.57 -1.19
C THR A 148 48.56 -4.48 -2.03
N THR A 149 48.37 -4.41 -3.33
CA THR A 149 49.15 -5.22 -4.26
C THR A 149 49.90 -4.25 -5.16
N GLY A 150 50.80 -4.77 -5.98
CA GLY A 150 51.54 -3.89 -6.87
C GLY A 150 50.73 -3.61 -8.12
N ASP A 151 49.57 -4.28 -8.22
CA ASP A 151 48.69 -4.16 -9.38
C ASP A 151 47.35 -3.52 -8.99
N PRO A 152 46.91 -2.49 -9.74
CA PRO A 152 45.64 -1.79 -9.50
C PRO A 152 44.41 -2.58 -9.96
N GLY A 153 44.64 -3.83 -10.37
CA GLY A 153 43.55 -4.67 -10.82
C GLY A 153 43.58 -4.77 -12.33
N PRO A 154 42.93 -5.79 -12.91
CA PRO A 154 42.85 -6.02 -14.35
C PRO A 154 42.08 -4.93 -15.10
N ILE A 155 42.44 -4.71 -16.36
CA ILE A 155 41.82 -3.68 -17.18
C ILE A 155 41.11 -4.22 -18.42
N THR A 156 39.80 -4.02 -18.50
CA THR A 156 39.02 -4.44 -19.65
C THR A 156 38.33 -3.17 -20.11
N PRO A 157 38.84 -2.57 -21.20
CA PRO A 157 38.26 -1.34 -21.75
C PRO A 157 36.86 -1.51 -22.27
N GLN A 158 36.00 -0.55 -21.92
CA GLN A 158 34.60 -0.58 -22.32
C GLN A 158 34.34 0.36 -23.50
N PRO A 159 33.33 0.05 -24.33
CA PRO A 159 33.03 0.92 -25.48
C PRO A 159 32.35 2.23 -25.09
N THR A 160 32.15 3.12 -26.07
CA THR A 160 31.53 4.41 -25.83
C THR A 160 30.18 4.27 -25.15
N PRO A 161 30.06 4.67 -23.88
CA PRO A 161 28.76 4.52 -23.23
C PRO A 161 27.65 5.19 -24.02
N LEU A 162 26.44 4.62 -23.99
CA LEU A 162 25.33 5.18 -24.77
C LEU A 162 24.69 6.42 -24.20
N SER A 163 24.08 7.20 -25.09
CA SER A 163 23.35 8.40 -24.70
C SER A 163 21.93 7.89 -24.42
N MET A 164 21.15 8.65 -23.66
CA MET A 164 19.79 8.25 -23.33
C MET A 164 18.97 7.94 -24.58
N GLU A 165 18.98 8.82 -25.57
CA GLU A 165 18.21 8.51 -26.76
C GLU A 165 18.73 7.27 -27.47
N ALA A 166 19.94 6.85 -27.14
CA ALA A 166 20.46 5.64 -27.77
C ALA A 166 19.82 4.46 -27.05
N VAL A 167 19.81 4.53 -25.71
CA VAL A 167 19.25 3.48 -24.89
C VAL A 167 17.77 3.23 -25.20
N LEU A 168 17.03 4.30 -25.46
CA LEU A 168 15.62 4.17 -25.78
C LEU A 168 15.47 3.56 -27.16
N ALA A 169 16.26 4.04 -28.11
CA ALA A 169 16.17 3.51 -29.45
C ALA A 169 16.39 1.99 -29.45
N GLN A 170 17.36 1.48 -28.67
CA GLN A 170 17.59 0.04 -28.64
C GLN A 170 16.31 -0.68 -28.25
N ARG A 171 15.53 -0.04 -27.38
CA ARG A 171 14.26 -0.60 -26.94
C ARG A 171 13.20 -0.03 -27.88
N GLY A 172 11.93 -0.21 -27.52
CA GLY A 172 10.89 0.31 -28.38
C GLY A 172 10.90 1.83 -28.42
N ILE A 173 10.90 2.41 -27.23
CA ILE A 173 10.89 3.86 -27.04
C ILE A 173 11.51 4.66 -28.19
N ARG A 174 10.65 5.40 -28.90
CA ARG A 174 11.08 6.21 -30.04
C ARG A 174 11.38 7.65 -29.64
N LYS A 175 10.40 8.29 -29.02
CA LYS A 175 10.55 9.67 -28.57
C LYS A 175 9.38 10.02 -27.65
N ALA A 181 7.00 18.34 -17.48
CA ALA A 181 6.56 19.08 -18.66
C ALA A 181 5.15 18.67 -19.06
N GLU A 182 4.93 17.37 -19.20
CA GLU A 182 3.64 16.81 -19.60
C GLU A 182 2.52 17.10 -18.57
N ARG A 183 2.88 17.78 -17.48
CA ARG A 183 1.93 18.11 -16.41
C ARG A 183 1.93 19.59 -16.02
N PHE A 184 2.97 20.31 -16.44
CA PHE A 184 3.10 21.73 -16.12
C PHE A 184 2.54 22.60 -17.25
N MET A 185 1.83 21.97 -18.20
CA MET A 185 1.26 22.72 -19.31
C MET A 185 0.06 23.57 -18.90
N SER A 186 -0.66 23.12 -17.87
CA SER A 186 -1.84 23.84 -17.39
C SER A 186 -1.46 25.11 -16.63
N VAL A 187 -0.35 25.06 -15.90
CA VAL A 187 0.11 26.20 -15.12
C VAL A 187 0.88 27.18 -16.02
N MET A 188 0.95 26.86 -17.30
CA MET A 188 1.64 27.69 -18.28
C MET A 188 1.01 29.08 -18.39
N TYR A 189 1.82 30.11 -18.17
CA TYR A 189 1.38 31.51 -18.23
C TYR A 189 0.09 31.75 -17.45
N ALA A 190 -0.12 30.95 -16.41
CA ALA A 190 -1.27 31.08 -15.54
C ALA A 190 -0.72 31.36 -14.14
N TYR A 191 -1.58 31.80 -13.22
CA TYR A 191 -1.16 32.11 -11.84
C TYR A 191 -0.15 33.27 -11.78
N PRO A 205 29.40 29.37 -23.82
CA PRO A 205 29.78 28.95 -22.47
C PRO A 205 31.26 29.13 -22.17
N GLY A 206 31.64 30.35 -21.78
CA GLY A 206 33.03 30.63 -21.47
C GLY A 206 33.50 29.88 -20.25
N LEU A 207 34.76 30.11 -19.87
CA LEU A 207 35.34 29.46 -18.71
C LEU A 207 34.31 29.23 -17.60
N PRO A 208 34.30 28.02 -17.03
CA PRO A 208 33.40 27.55 -15.97
C PRO A 208 33.84 28.02 -14.60
N GLN A 209 32.88 28.43 -13.77
CA GLN A 209 33.18 28.88 -12.41
C GLN A 209 32.35 28.05 -11.41
N ALA A 210 32.99 27.67 -10.30
CA ALA A 210 32.34 26.88 -9.24
C ALA A 210 30.95 27.42 -8.91
N VAL A 211 30.04 26.53 -8.53
CA VAL A 211 28.69 26.96 -8.18
C VAL A 211 28.60 27.03 -6.66
N PRO A 212 28.07 28.14 -6.12
CA PRO A 212 27.97 28.22 -4.67
C PRO A 212 27.16 27.04 -4.13
N VAL A 213 27.65 26.43 -3.05
CA VAL A 213 26.99 25.30 -2.41
C VAL A 213 26.92 25.43 -0.90
N THR A 214 25.70 25.54 -0.38
CA THR A 214 25.48 25.63 1.06
C THR A 214 25.20 24.23 1.57
N ARG A 215 25.63 23.94 2.79
CA ARG A 215 25.42 22.61 3.30
C ARG A 215 25.18 22.57 4.82
N LEU A 216 24.09 21.89 5.22
CA LEU A 216 23.72 21.76 6.63
C LEU A 216 23.64 20.29 6.99
N TRP A 217 24.13 19.93 8.17
CA TRP A 217 24.10 18.55 8.63
C TRP A 217 23.00 18.27 9.65
N LEU A 218 23.06 17.04 10.17
CA LEU A 218 22.12 16.55 11.18
C LEU A 218 22.85 15.57 12.08
N SER A 219 22.58 15.68 13.37
CA SER A 219 23.21 14.80 14.35
C SER A 219 22.81 13.36 14.11
N LYS A 220 23.73 12.44 14.39
CA LYS A 220 23.46 11.02 14.22
C LYS A 220 22.09 10.72 14.81
N GLN A 221 21.73 11.44 15.86
CA GLN A 221 20.44 11.23 16.49
C GLN A 221 19.30 11.83 15.69
N GLN A 222 19.33 13.14 15.45
CA GLN A 222 18.28 13.80 14.69
C GLN A 222 17.96 13.05 13.41
N THR A 223 18.96 12.38 12.83
CA THR A 223 18.74 11.62 11.61
C THR A 223 17.84 10.44 11.99
N SER A 224 18.33 9.60 12.91
CA SER A 224 17.59 8.43 13.38
C SER A 224 16.15 8.73 13.76
N ASP A 225 15.92 9.95 14.24
CA ASP A 225 14.60 10.42 14.63
C ASP A 225 13.75 10.61 13.39
N LEU A 226 14.35 11.22 12.37
CA LEU A 226 13.64 11.47 11.13
C LEU A 226 13.41 10.14 10.41
N MET A 227 14.36 9.22 10.54
CA MET A 227 14.20 7.90 9.90
C MET A 227 13.09 7.11 10.56
N ALA A 228 13.13 7.05 11.89
CA ALA A 228 12.11 6.34 12.64
C ALA A 228 10.74 6.88 12.23
N PHE A 229 10.63 8.21 12.15
CA PHE A 229 9.39 8.85 11.76
C PHE A 229 9.05 8.45 10.34
N GLY A 230 10.09 8.14 9.57
CA GLY A 230 9.90 7.76 8.19
C GLY A 230 9.12 6.48 8.00
N ARG A 231 9.75 5.35 8.30
CA ARG A 231 9.09 4.07 8.15
C ARG A 231 7.95 3.87 9.14
N GLU A 232 7.57 4.96 9.81
CA GLU A 232 6.46 4.94 10.75
C GLU A 232 5.33 5.65 10.04
N HIS A 233 5.42 5.71 8.72
CA HIS A 233 4.41 6.35 7.89
C HIS A 233 4.54 5.79 6.48
N ARG A 234 5.19 4.64 6.37
CA ARG A 234 5.38 4.00 5.07
C ARG A 234 5.97 5.05 4.12
N LEU A 235 7.08 5.65 4.54
CA LEU A 235 7.77 6.66 3.77
C LEU A 235 9.27 6.46 3.92
N SER A 236 10.04 7.36 3.30
CA SER A 236 11.50 7.32 3.31
C SER A 236 12.06 8.72 3.54
N LEU A 237 13.29 8.80 4.00
CA LEU A 237 13.95 10.08 4.25
C LEU A 237 13.77 11.03 3.09
N ASN A 238 14.14 10.55 1.90
CA ASN A 238 14.03 11.32 0.67
C ASN A 238 12.63 11.84 0.45
N ALA A 239 11.66 10.95 0.64
CA ALA A 239 10.25 11.30 0.45
C ALA A 239 9.86 12.45 1.38
N VAL A 240 10.21 12.31 2.65
CA VAL A 240 9.89 13.34 3.63
C VAL A 240 10.66 14.61 3.28
N VAL A 241 11.97 14.48 3.19
CA VAL A 241 12.84 15.60 2.86
C VAL A 241 12.26 16.47 1.76
N ALA A 242 11.68 15.86 0.74
CA ALA A 242 11.10 16.64 -0.35
C ALA A 242 9.93 17.47 0.15
N ALA A 243 9.13 16.86 1.01
CA ALA A 243 7.98 17.54 1.59
C ALA A 243 8.51 18.76 2.34
N ALA A 244 9.46 18.53 3.23
CA ALA A 244 10.05 19.62 3.99
C ALA A 244 10.53 20.73 3.06
N ILE A 245 11.20 20.36 1.98
CA ILE A 245 11.68 21.33 1.01
C ILE A 245 10.50 22.08 0.37
N LEU A 246 9.52 21.33 -0.12
CA LEU A 246 8.37 21.92 -0.77
C LEU A 246 7.53 22.82 0.15
N LEU A 247 7.39 22.43 1.42
CA LEU A 247 6.64 23.26 2.36
C LEU A 247 7.32 24.61 2.48
N THR A 248 8.58 24.56 2.91
CA THR A 248 9.41 25.74 3.08
C THR A 248 9.36 26.67 1.86
N GLU A 249 9.38 26.10 0.66
CA GLU A 249 9.35 26.93 -0.53
C GLU A 249 8.13 27.82 -0.53
N TRP A 250 7.00 27.29 -0.06
CA TRP A 250 5.76 28.06 -0.04
C TRP A 250 5.80 29.15 1.04
N GLN A 251 6.29 28.79 2.23
CA GLN A 251 6.42 29.70 3.36
C GLN A 251 7.29 30.92 3.07
N LEU A 252 8.17 30.80 2.08
CA LEU A 252 9.05 31.90 1.73
C LEU A 252 8.73 32.54 0.39
N ARG A 253 7.86 31.90 -0.39
CA ARG A 253 7.50 32.45 -1.69
C ARG A 253 6.62 33.69 -1.57
N ASN A 254 6.16 33.96 -0.35
CA ASN A 254 5.30 35.11 -0.07
C ASN A 254 4.16 35.21 -1.07
N THR A 255 3.75 34.07 -1.62
CA THR A 255 2.67 34.00 -2.59
C THR A 255 1.83 32.76 -2.29
N PRO A 256 0.62 32.96 -1.75
CA PRO A 256 -0.28 31.86 -1.41
C PRO A 256 -1.05 31.27 -2.59
N HIS A 257 -1.51 30.05 -2.39
CA HIS A 257 -2.28 29.31 -3.38
C HIS A 257 -1.61 29.10 -4.74
N VAL A 258 -0.44 29.69 -4.95
CA VAL A 258 0.26 29.48 -6.21
C VAL A 258 1.02 28.16 -6.07
N PRO A 259 0.72 27.19 -6.94
CA PRO A 259 1.37 25.87 -6.90
C PRO A 259 2.90 25.90 -6.96
N ILE A 260 3.52 24.80 -6.59
CA ILE A 260 4.98 24.69 -6.61
C ILE A 260 5.40 23.50 -7.45
N PRO A 261 5.81 23.75 -8.70
CA PRO A 261 6.25 22.68 -9.61
C PRO A 261 7.52 22.01 -9.08
N TYR A 262 7.47 20.69 -8.94
CA TYR A 262 8.60 19.94 -8.41
C TYR A 262 9.16 18.94 -9.44
N VAL A 263 10.47 18.75 -9.44
CA VAL A 263 11.09 17.81 -10.37
C VAL A 263 12.30 17.14 -9.72
N TYR A 264 12.40 15.83 -9.89
CA TYR A 264 13.53 15.10 -9.35
C TYR A 264 13.93 14.00 -10.32
N PRO A 265 15.16 13.47 -10.16
CA PRO A 265 15.69 12.42 -11.02
C PRO A 265 15.14 11.01 -10.80
N VAL A 266 15.10 10.22 -11.86
CA VAL A 266 14.66 8.81 -11.79
C VAL A 266 15.58 8.01 -12.71
N ASP A 267 16.45 7.21 -12.10
CA ASP A 267 17.39 6.39 -12.84
C ASP A 267 16.65 5.30 -13.64
N LEU A 268 16.54 5.51 -14.93
CA LEU A 268 15.89 4.57 -15.80
C LEU A 268 16.65 3.23 -15.89
N ARG A 269 17.80 3.15 -15.24
CA ARG A 269 18.58 1.92 -15.30
C ARG A 269 17.86 0.73 -14.66
N PHE A 270 17.09 0.97 -13.60
CA PHE A 270 16.36 -0.11 -12.94
C PHE A 270 14.90 -0.13 -13.37
N VAL A 271 14.54 0.81 -14.22
CA VAL A 271 13.18 0.92 -14.73
C VAL A 271 12.99 0.20 -16.07
N LEU A 272 13.71 0.67 -17.07
CA LEU A 272 13.65 0.13 -18.43
C LEU A 272 13.84 -1.36 -18.61
N ALA A 273 13.55 -1.76 -19.85
CA ALA A 273 13.64 -3.13 -20.36
C ALA A 273 14.96 -3.73 -19.94
N PRO A 274 15.58 -4.59 -20.79
CA PRO A 274 16.86 -5.11 -20.25
C PRO A 274 17.56 -3.96 -19.55
N PRO A 275 17.78 -4.13 -18.24
CA PRO A 275 18.45 -3.13 -17.42
C PRO A 275 19.69 -2.62 -18.09
N VAL A 276 20.08 -1.41 -17.73
CA VAL A 276 21.27 -0.77 -18.27
C VAL A 276 22.21 -0.64 -17.11
N ALA A 277 23.51 -0.82 -17.34
CA ALA A 277 24.44 -0.71 -16.23
C ALA A 277 24.90 0.73 -16.08
N PRO A 278 25.31 1.11 -14.87
CA PRO A 278 25.76 2.47 -14.63
C PRO A 278 26.72 3.12 -15.64
N THR A 279 27.73 2.42 -16.12
CA THR A 279 28.66 3.03 -17.08
C THR A 279 28.25 2.69 -18.49
N GLU A 280 27.17 1.94 -18.62
CA GLU A 280 26.72 1.56 -19.95
C GLU A 280 26.15 2.77 -20.69
N ALA A 281 25.55 3.68 -19.91
CA ALA A 281 25.01 4.92 -20.48
C ALA A 281 25.66 6.14 -19.81
N THR A 282 25.65 7.25 -20.55
CA THR A 282 26.20 8.53 -20.09
C THR A 282 25.31 9.08 -19.01
N ASN A 283 24.13 9.48 -19.43
CA ASN A 283 23.15 10.05 -18.55
C ASN A 283 21.82 9.34 -18.79
N LEU A 284 21.32 8.65 -17.77
CA LEU A 284 20.06 7.96 -17.91
C LEU A 284 19.14 8.29 -16.72
N LEU A 285 19.01 9.57 -16.43
CA LEU A 285 18.14 9.97 -15.35
C LEU A 285 16.90 10.64 -15.92
N GLY A 286 15.76 9.96 -15.77
CA GLY A 286 14.52 10.52 -16.27
C GLY A 286 14.07 11.57 -15.28
N ALA A 287 13.16 12.44 -15.71
CA ALA A 287 12.66 13.48 -14.84
C ALA A 287 11.20 13.21 -14.47
N ALA A 288 10.95 13.23 -13.18
CA ALA A 288 9.61 13.00 -12.68
C ALA A 288 9.03 14.36 -12.26
N SER A 289 7.92 14.76 -12.87
CA SER A 289 7.29 16.03 -12.52
C SER A 289 6.24 15.82 -11.43
N TYR A 290 5.87 16.90 -10.77
CA TYR A 290 4.88 16.84 -9.69
C TYR A 290 4.49 18.24 -9.24
N LEU A 291 3.26 18.64 -9.52
CA LEU A 291 2.77 19.96 -9.15
C LEU A 291 2.25 19.97 -7.71
N ALA A 292 3.10 20.40 -6.77
CA ALA A 292 2.71 20.44 -5.38
C ALA A 292 1.84 21.67 -5.10
N GLU A 293 0.73 21.43 -4.41
CA GLU A 293 -0.19 22.50 -4.07
C GLU A 293 -0.31 22.55 -2.54
N ILE A 294 0.58 23.32 -1.93
CA ILE A 294 0.64 23.46 -0.49
C ILE A 294 -0.18 24.64 0.06
N GLY A 295 -1.01 24.34 1.05
CA GLY A 295 -1.82 25.36 1.68
C GLY A 295 -1.33 25.53 3.10
N PRO A 296 -1.96 26.38 3.91
CA PRO A 296 -1.53 26.60 5.29
C PRO A 296 -1.78 25.39 6.19
N ASN A 297 -2.58 24.44 5.72
CA ASN A 297 -2.90 23.25 6.49
C ASN A 297 -2.27 21.97 5.94
N THR A 298 -1.74 22.02 4.72
CA THR A 298 -1.12 20.86 4.11
C THR A 298 -0.22 20.11 5.09
N ASP A 299 -0.42 18.80 5.17
CA ASP A 299 0.35 17.98 6.09
C ASP A 299 1.55 17.29 5.44
N ILE A 300 2.63 17.18 6.18
CA ILE A 300 3.86 16.55 5.71
C ILE A 300 3.61 15.21 5.06
N VAL A 301 3.15 14.24 5.85
CA VAL A 301 2.88 12.91 5.34
C VAL A 301 1.92 12.96 4.15
N ASP A 302 0.90 13.79 4.24
CA ASP A 302 -0.06 13.89 3.13
C ASP A 302 0.67 14.20 1.84
N LEU A 303 1.52 15.23 1.88
CA LEU A 303 2.29 15.66 0.71
C LEU A 303 3.30 14.59 0.30
N ALA A 304 4.11 14.14 1.26
CA ALA A 304 5.10 13.11 1.00
C ALA A 304 4.52 11.91 0.28
N SER A 305 3.43 11.37 0.82
CA SER A 305 2.77 10.19 0.24
C SER A 305 2.20 10.42 -1.15
N ASP A 306 1.64 11.59 -1.37
CA ASP A 306 1.07 11.89 -2.66
C ASP A 306 2.17 11.89 -3.73
N ILE A 307 3.32 12.48 -3.39
CA ILE A 307 4.43 12.53 -4.32
C ILE A 307 4.83 11.10 -4.67
N VAL A 308 5.20 10.33 -3.66
CA VAL A 308 5.61 8.95 -3.87
C VAL A 308 4.62 8.17 -4.69
N ALA A 309 3.35 8.40 -4.46
CA ALA A 309 2.33 7.66 -5.20
C ALA A 309 2.34 8.10 -6.64
N THR A 310 2.34 9.40 -6.89
CA THR A 310 2.34 9.90 -8.27
C THR A 310 3.46 9.27 -9.13
N LEU A 311 4.62 9.05 -8.51
CA LEU A 311 5.73 8.46 -9.22
C LEU A 311 5.31 7.11 -9.75
N ARG A 312 4.85 6.27 -8.84
CA ARG A 312 4.38 4.94 -9.19
C ARG A 312 3.33 4.98 -10.30
N ALA A 313 2.44 5.97 -10.28
CA ALA A 313 1.43 6.05 -11.32
C ALA A 313 2.09 6.33 -12.67
N ASP A 314 3.08 7.20 -12.66
CA ASP A 314 3.78 7.57 -13.89
C ASP A 314 4.56 6.39 -14.44
N LEU A 315 5.25 5.66 -13.55
CA LEU A 315 5.99 4.50 -13.98
C LEU A 315 5.02 3.48 -14.60
N ALA A 316 3.93 3.22 -13.90
CA ALA A 316 2.92 2.29 -14.35
C ALA A 316 2.30 2.67 -15.70
N ASN A 317 2.27 3.98 -15.98
CA ASN A 317 1.69 4.48 -17.23
C ASN A 317 2.74 4.70 -18.29
N GLY A 318 3.98 4.46 -17.90
CA GLY A 318 5.10 4.63 -18.80
C GLY A 318 5.39 6.08 -19.14
N VAL A 319 4.89 6.99 -18.32
CA VAL A 319 5.10 8.41 -18.58
C VAL A 319 6.58 8.76 -18.51
N ILE A 320 7.22 8.35 -17.42
CA ILE A 320 8.62 8.61 -17.24
C ILE A 320 9.48 7.93 -18.32
N GLN A 321 9.19 6.66 -18.62
CA GLN A 321 9.96 5.95 -19.63
C GLN A 321 9.84 6.56 -21.04
N GLN A 322 8.62 6.86 -21.46
CA GLN A 322 8.37 7.41 -22.79
C GLN A 322 8.53 8.90 -22.96
N SER A 323 8.51 9.66 -21.88
CA SER A 323 8.68 11.10 -22.01
C SER A 323 10.16 11.37 -22.20
N GLY A 324 10.50 12.18 -23.18
CA GLY A 324 11.89 12.47 -23.40
C GLY A 324 12.54 13.28 -22.30
N LEU A 325 11.78 13.59 -21.25
CA LEU A 325 12.30 14.39 -20.16
C LEU A 325 13.49 13.77 -19.43
N HIS A 326 14.59 14.51 -19.32
CA HIS A 326 15.76 14.02 -18.58
C HIS A 326 16.03 15.03 -17.47
N PHE A 327 16.79 14.61 -16.47
CA PHE A 327 17.07 15.51 -15.37
C PHE A 327 18.09 16.59 -15.73
N GLY A 328 18.70 16.50 -16.90
CA GLY A 328 19.63 17.53 -17.28
C GLY A 328 18.92 18.88 -17.34
N THR A 329 17.62 18.86 -17.64
CA THR A 329 16.82 20.07 -17.75
C THR A 329 16.96 20.98 -16.52
N ALA A 330 17.41 20.40 -15.41
CA ALA A 330 17.60 21.14 -14.18
C ALA A 330 18.49 22.36 -14.39
N PHE A 331 19.50 22.23 -15.24
CA PHE A 331 20.43 23.31 -15.52
C PHE A 331 19.84 24.35 -16.44
N GLU A 332 18.55 24.26 -16.71
CA GLU A 332 17.91 25.23 -17.55
C GLU A 332 16.91 26.03 -16.72
N GLY A 333 17.10 25.99 -15.41
CA GLY A 333 16.22 26.70 -14.49
C GLY A 333 14.75 26.50 -14.77
N THR A 334 13.98 27.59 -14.66
CA THR A 334 12.54 27.57 -14.89
C THR A 334 12.21 28.17 -16.25
N PRO A 335 11.37 27.47 -17.04
CA PRO A 335 10.99 27.97 -18.36
C PRO A 335 10.01 29.15 -18.30
N PRO A 336 9.73 29.78 -19.46
CA PRO A 336 8.81 30.91 -19.50
C PRO A 336 7.37 30.54 -19.12
N GLY A 337 6.71 31.45 -18.40
CA GLY A 337 5.36 31.22 -17.99
C GLY A 337 5.21 30.06 -17.02
N LEU A 338 5.98 30.10 -15.95
CA LEU A 338 5.93 29.04 -14.94
C LEU A 338 6.53 29.47 -13.62
N PRO A 339 5.88 29.11 -12.51
CA PRO A 339 6.41 29.49 -11.20
C PRO A 339 7.78 28.84 -11.01
N PRO A 340 8.60 29.36 -10.10
CA PRO A 340 9.94 28.83 -9.82
C PRO A 340 9.92 27.33 -9.55
N LEU A 341 10.58 26.56 -10.42
CA LEU A 341 10.65 25.13 -10.27
C LEU A 341 11.59 24.78 -9.12
N VAL A 342 11.27 23.72 -8.42
CA VAL A 342 12.09 23.25 -7.31
C VAL A 342 12.71 21.92 -7.73
N PHE A 343 14.03 21.92 -7.87
CA PHE A 343 14.75 20.71 -8.26
C PHE A 343 15.44 20.11 -7.06
N CYS A 344 15.27 18.81 -6.89
CA CYS A 344 15.94 18.15 -5.79
C CYS A 344 16.41 16.76 -6.20
N THR A 345 17.70 16.49 -5.97
CA THR A 345 18.31 15.20 -6.31
C THR A 345 18.56 14.37 -5.08
N ASP A 346 18.05 13.15 -5.10
CA ASP A 346 18.22 12.22 -4.01
C ASP A 346 19.48 11.41 -4.31
N ALA A 347 20.63 12.08 -4.30
CA ALA A 347 21.90 11.42 -4.57
C ALA A 347 22.62 10.94 -3.32
N THR A 348 21.87 10.41 -2.37
CA THR A 348 22.45 9.90 -1.13
C THR A 348 23.36 8.72 -1.50
N SER A 349 24.65 8.82 -1.20
CA SER A 349 25.55 7.72 -1.53
C SER A 349 27.00 7.88 -1.05
N PHE A 350 27.84 6.97 -1.53
CA PHE A 350 29.28 6.90 -1.25
C PHE A 350 29.79 6.21 0.03
N PRO A 351 29.27 5.02 0.31
CA PRO A 351 29.67 4.24 1.47
C PRO A 351 30.31 2.97 0.90
N THR A 352 30.88 2.14 1.75
CA THR A 352 31.51 0.90 1.30
C THR A 352 32.65 1.16 0.31
N MET A 353 33.18 2.38 0.35
CA MET A 353 34.27 2.75 -0.55
C MET A 353 35.61 2.32 -0.01
N ARG A 354 36.21 1.34 -0.66
CA ARG A 354 37.50 0.79 -0.26
C ARG A 354 38.63 1.79 -0.06
N THR A 355 39.37 1.61 1.02
CA THR A 355 40.52 2.45 1.38
C THR A 355 41.46 1.55 2.15
N PRO A 356 42.70 1.39 1.67
CA PRO A 356 43.70 0.54 2.32
C PRO A 356 43.93 0.94 3.77
N PRO A 357 44.62 0.08 4.55
CA PRO A 357 44.90 0.34 5.96
C PRO A 357 45.78 1.58 6.18
N GLY A 358 45.30 2.49 7.01
CA GLY A 358 46.03 3.71 7.29
C GLY A 358 45.37 4.93 6.68
N LEU A 359 44.52 4.72 5.68
CA LEU A 359 43.83 5.83 5.05
C LEU A 359 42.36 5.73 5.42
N GLU A 360 41.71 6.87 5.56
CA GLU A 360 40.31 6.89 5.91
C GLU A 360 39.66 8.15 5.39
N ILE A 361 38.42 8.01 4.93
CA ILE A 361 37.67 9.14 4.41
C ILE A 361 37.02 9.91 5.53
N GLU A 362 37.20 11.23 5.58
CA GLU A 362 36.60 12.03 6.63
C GLU A 362 35.39 12.81 6.15
N ASP A 363 35.34 13.09 4.86
CA ASP A 363 34.21 13.83 4.33
C ASP A 363 34.13 13.70 2.80
N ILE A 364 32.93 13.84 2.27
CA ILE A 364 32.71 13.74 0.84
C ILE A 364 31.76 14.83 0.37
N LYS A 365 32.30 15.86 -0.29
CA LYS A 365 31.48 16.97 -0.77
C LYS A 365 31.38 16.96 -2.29
N GLY A 366 30.19 17.28 -2.79
CA GLY A 366 30.00 17.31 -4.23
C GLY A 366 29.68 18.72 -4.65
N GLN A 367 30.17 19.11 -5.81
CA GLN A 367 29.90 20.46 -6.28
C GLN A 367 29.97 20.49 -7.79
N PHE A 368 29.27 21.47 -8.37
CA PHE A 368 29.27 21.64 -9.81
C PHE A 368 30.16 22.80 -10.21
N TYR A 369 30.52 22.85 -11.49
CA TYR A 369 31.34 23.93 -12.01
C TYR A 369 30.85 24.38 -13.36
N CYS A 370 29.54 24.52 -13.53
CA CYS A 370 29.03 24.98 -14.81
C CYS A 370 29.51 26.40 -15.06
N SER A 371 29.40 26.86 -16.31
CA SER A 371 29.86 28.21 -16.64
C SER A 371 28.95 29.26 -16.00
N ILE A 372 29.54 30.38 -15.57
CA ILE A 372 28.82 31.49 -14.93
C ILE A 372 27.46 31.72 -15.61
N SER A 373 26.53 32.28 -14.85
CA SER A 373 25.20 32.58 -15.37
C SER A 373 24.30 31.37 -15.52
N VAL A 374 24.67 30.26 -14.90
CA VAL A 374 23.85 29.04 -14.97
C VAL A 374 22.77 29.15 -13.92
N PRO A 375 21.50 29.22 -14.36
CA PRO A 375 20.36 29.32 -13.45
C PRO A 375 20.15 27.98 -12.77
N LEU A 376 21.10 27.59 -11.94
CA LEU A 376 21.00 26.31 -11.28
C LEU A 376 20.47 26.43 -9.86
N ASP A 377 19.16 26.31 -9.70
CA ASP A 377 18.60 26.37 -8.36
C ASP A 377 18.29 24.91 -8.02
N LEU A 378 19.14 24.30 -7.20
CA LEU A 378 18.91 22.89 -6.87
C LEU A 378 19.14 22.47 -5.43
N TYR A 379 18.29 21.57 -4.93
CA TYR A 379 18.42 21.04 -3.56
C TYR A 379 18.97 19.62 -3.68
N SER A 380 19.50 19.08 -2.59
CA SER A 380 20.07 17.75 -2.63
C SER A 380 20.26 17.21 -1.22
N CYS A 381 20.25 15.89 -1.06
CA CYS A 381 20.43 15.34 0.28
C CYS A 381 21.17 14.02 0.22
N ALA A 382 21.69 13.58 1.36
CA ALA A 382 22.41 12.32 1.46
C ALA A 382 22.71 12.02 2.92
N VAL A 383 22.79 10.73 3.25
CA VAL A 383 23.07 10.34 4.62
C VAL A 383 24.51 9.85 4.72
N TYR A 384 25.35 10.72 5.27
CA TYR A 384 26.75 10.43 5.43
C TYR A 384 26.97 9.98 6.86
N ALA A 385 27.65 8.86 7.04
CA ALA A 385 27.94 8.35 8.37
C ALA A 385 26.70 8.37 9.27
N GLY A 386 25.57 8.00 8.70
CA GLY A 386 24.34 8.01 9.46
C GLY A 386 23.88 9.40 9.84
N GLN A 387 24.21 10.38 9.01
CA GLN A 387 23.82 11.76 9.26
C GLN A 387 23.29 12.34 7.96
N LEU A 388 22.07 12.86 8.01
CA LEU A 388 21.44 13.45 6.85
C LEU A 388 22.13 14.76 6.54
N ILE A 389 22.32 15.03 5.25
CA ILE A 389 22.95 16.25 4.82
C ILE A 389 22.11 16.95 3.76
N ILE A 390 21.68 18.17 4.08
CA ILE A 390 20.88 18.97 3.16
C ILE A 390 21.84 19.89 2.41
N GLU A 391 21.50 20.21 1.17
CA GLU A 391 22.32 21.09 0.34
C GLU A 391 21.50 21.92 -0.62
N HIS A 392 22.01 23.10 -0.91
CA HIS A 392 21.36 24.00 -1.85
C HIS A 392 22.52 24.49 -2.72
N HIS A 393 22.36 24.28 -4.02
CA HIS A 393 23.35 24.61 -5.03
C HIS A 393 22.86 25.75 -5.87
N GLY A 394 23.77 26.55 -6.40
CA GLY A 394 23.37 27.65 -7.24
C GLY A 394 23.55 29.04 -6.69
N HIS A 395 23.65 30.00 -7.60
CA HIS A 395 23.82 31.41 -7.26
C HIS A 395 22.49 31.98 -6.76
N ILE A 396 22.30 31.99 -5.46
CA ILE A 396 21.06 32.50 -4.90
C ILE A 396 21.31 33.35 -3.65
N ALA A 397 20.42 34.30 -3.40
CA ALA A 397 20.53 35.17 -2.23
C ALA A 397 20.03 34.44 -0.99
N GLU A 398 20.75 34.59 0.11
CA GLU A 398 20.39 33.93 1.37
C GLU A 398 20.38 32.40 1.15
N PRO A 399 21.50 31.85 0.66
CA PRO A 399 21.65 30.41 0.39
C PRO A 399 21.21 29.49 1.53
N GLY A 400 21.67 29.79 2.74
CA GLY A 400 21.33 28.99 3.90
C GLY A 400 20.01 29.37 4.54
N LYS A 401 19.24 30.21 3.85
CA LYS A 401 17.94 30.65 4.36
C LYS A 401 16.97 29.48 4.40
N SER A 402 16.56 29.04 3.22
CA SER A 402 15.64 27.92 3.06
C SER A 402 16.20 26.63 3.68
N LEU A 403 17.49 26.42 3.51
CA LEU A 403 18.15 25.23 4.04
C LEU A 403 18.01 25.12 5.55
N GLU A 404 17.98 26.27 6.22
CA GLU A 404 17.84 26.26 7.66
C GLU A 404 16.38 26.05 8.03
N ALA A 405 15.48 26.69 7.28
CA ALA A 405 14.04 26.56 7.50
C ALA A 405 13.69 25.08 7.39
N ILE A 406 14.26 24.45 6.37
CA ILE A 406 14.07 23.04 6.10
C ILE A 406 14.78 22.24 7.19
N ARG A 407 15.91 22.77 7.64
CA ARG A 407 16.72 22.15 8.68
C ARG A 407 15.92 21.88 9.94
N SER A 408 15.44 22.95 10.57
CA SER A 408 14.67 22.80 11.80
C SER A 408 13.36 22.04 11.59
N LEU A 409 12.83 22.10 10.37
CA LEU A 409 11.58 21.40 10.07
C LEU A 409 11.73 19.89 10.07
N LEU A 410 12.92 19.40 9.73
CA LEU A 410 13.16 17.96 9.74
C LEU A 410 13.45 17.44 11.15
N CYS A 411 13.57 18.37 12.09
CA CYS A 411 13.85 18.02 13.49
C CYS A 411 12.63 18.21 14.37
N THR A 412 11.63 18.87 13.79
CA THR A 412 10.38 19.15 14.46
C THR A 412 9.34 18.05 14.22
N VAL A 413 9.12 17.73 12.95
CA VAL A 413 8.15 16.72 12.55
C VAL A 413 8.25 15.38 13.27
N PRO A 414 9.47 14.84 13.43
CA PRO A 414 9.62 13.55 14.10
C PRO A 414 9.21 13.54 15.58
N SER A 415 9.47 14.65 16.27
CA SER A 415 9.13 14.74 17.69
C SER A 415 7.66 15.11 17.91
N GLU A 416 7.30 16.30 17.47
CA GLU A 416 5.93 16.80 17.63
C GLU A 416 5.09 16.72 16.37
N TYR A 417 4.38 15.60 16.19
CA TYR A 417 3.52 15.43 15.04
C TYR A 417 2.06 15.25 15.47
N GLY A 418 1.85 14.63 16.63
CA GLY A 418 0.50 14.42 17.14
C GLY A 418 -0.07 15.62 17.88
N PRO B 3 1.46 0.60 11.14
CA PRO B 3 2.63 0.72 12.04
C PRO B 3 2.40 -0.01 13.36
N GLY B 4 1.94 0.72 14.37
CA GLY B 4 1.70 0.14 15.68
C GLY B 4 0.82 1.04 16.55
N SER B 5 0.31 2.12 15.95
CA SER B 5 -0.55 3.05 16.66
C SER B 5 -2.00 2.60 16.57
N VAL B 6 -2.90 3.39 17.15
CA VAL B 6 -4.31 3.07 17.14
C VAL B 6 -5.00 3.61 15.88
N ILE B 7 -5.44 2.70 15.02
CA ILE B 7 -6.14 3.09 13.79
C ILE B 7 -7.33 3.97 14.16
N ARG B 8 -8.17 3.47 15.05
CA ARG B 8 -9.34 4.19 15.52
C ARG B 8 -9.94 3.36 16.65
N LYS B 9 -11.07 3.80 17.17
CA LYS B 9 -11.73 3.08 18.26
C LYS B 9 -12.96 2.40 17.69
N LEU B 10 -13.21 1.17 18.12
CA LEU B 10 -14.39 0.46 17.65
C LEU B 10 -15.62 1.23 18.03
N SER B 11 -16.57 1.29 17.09
CA SER B 11 -17.83 1.96 17.32
C SER B 11 -18.77 0.98 18.03
N HIS B 12 -19.72 1.55 18.76
CA HIS B 12 -20.69 0.79 19.54
C HIS B 12 -21.23 -0.44 18.83
N SER B 13 -21.48 -0.32 17.53
CA SER B 13 -22.01 -1.44 16.75
C SER B 13 -20.97 -2.53 16.53
N GLU B 14 -19.70 -2.20 16.81
CA GLU B 14 -18.61 -3.15 16.63
C GLU B 14 -18.12 -3.75 17.94
N GLU B 15 -18.34 -3.05 19.04
CA GLU B 15 -17.90 -3.55 20.33
C GLU B 15 -18.50 -4.91 20.70
N VAL B 16 -19.74 -5.13 20.30
CA VAL B 16 -20.40 -6.40 20.60
C VAL B 16 -19.53 -7.60 20.26
N PHE B 17 -18.85 -7.52 19.11
CA PHE B 17 -18.00 -8.62 18.65
C PHE B 17 -16.73 -8.73 19.48
N ALA B 18 -16.39 -7.63 20.13
CA ALA B 18 -15.23 -7.58 20.98
C ALA B 18 -15.60 -8.10 22.37
N GLN B 19 -16.84 -7.83 22.78
CA GLN B 19 -17.35 -8.25 24.08
C GLN B 19 -17.45 -9.79 24.15
N TYR B 20 -17.62 -10.43 23.00
CA TYR B 20 -17.73 -11.87 22.99
C TYR B 20 -16.64 -12.55 22.18
N GLU B 21 -15.64 -11.77 21.76
CA GLU B 21 -14.54 -12.32 20.98
C GLU B 21 -15.10 -13.18 19.85
N VAL B 22 -15.90 -12.55 19.00
CA VAL B 22 -16.53 -13.24 17.90
C VAL B 22 -15.70 -13.30 16.63
N PHE B 23 -15.26 -14.51 16.29
CA PHE B 23 -14.49 -14.75 15.07
C PHE B 23 -15.43 -15.47 14.11
N THR B 24 -15.41 -15.07 12.86
CA THR B 24 -16.24 -15.72 11.86
C THR B 24 -15.29 -16.49 10.96
N SER B 25 -15.57 -17.78 10.78
CA SER B 25 -14.72 -18.60 9.95
C SER B 25 -15.51 -19.19 8.81
N MET B 26 -14.84 -19.37 7.67
CA MET B 26 -15.47 -19.93 6.47
C MET B 26 -14.57 -21.05 5.94
N THR B 27 -15.01 -22.29 6.11
CA THR B 27 -14.24 -23.44 5.64
C THR B 27 -14.63 -23.89 4.24
N ILE B 28 -13.76 -23.62 3.28
CA ILE B 28 -14.02 -24.02 1.91
C ILE B 28 -13.28 -25.34 1.71
N GLN B 29 -14.03 -26.39 1.46
CA GLN B 29 -13.41 -27.68 1.21
C GLN B 29 -13.10 -27.83 -0.27
N LEU B 30 -11.82 -27.72 -0.61
CA LEU B 30 -11.39 -27.84 -2.00
C LEU B 30 -10.97 -29.25 -2.36
N ARG B 31 -11.03 -29.54 -3.66
CA ARG B 31 -10.62 -30.84 -4.17
C ARG B 31 -9.72 -30.69 -5.40
N GLY B 32 -8.53 -31.26 -5.34
CA GLY B 32 -7.60 -31.16 -6.45
C GLY B 32 -6.22 -30.69 -6.01
N VAL B 33 -5.52 -30.02 -6.91
CA VAL B 33 -4.17 -29.57 -6.59
C VAL B 33 -4.17 -28.12 -6.09
N ILE B 34 -3.61 -27.91 -4.92
CA ILE B 34 -3.55 -26.56 -4.39
C ILE B 34 -2.16 -25.98 -4.63
N ASP B 35 -2.09 -24.98 -5.50
CA ASP B 35 -0.82 -24.33 -5.79
C ASP B 35 -0.54 -23.38 -4.64
N VAL B 36 -0.17 -23.96 -3.51
CA VAL B 36 0.14 -23.22 -2.30
C VAL B 36 0.93 -21.96 -2.59
N ASP B 37 1.79 -22.02 -3.60
CA ASP B 37 2.59 -20.87 -3.97
C ASP B 37 1.69 -19.74 -4.40
N ALA B 38 0.65 -20.06 -5.17
CA ALA B 38 -0.29 -19.06 -5.66
C ALA B 38 -1.20 -18.58 -4.52
N LEU B 39 -1.58 -19.50 -3.64
CA LEU B 39 -2.43 -19.17 -2.51
C LEU B 39 -1.71 -18.13 -1.68
N SER B 40 -0.40 -18.26 -1.60
CA SER B 40 0.37 -17.30 -0.82
C SER B 40 0.28 -15.92 -1.45
N ASP B 41 0.54 -15.83 -2.75
CA ASP B 41 0.48 -14.54 -3.41
C ASP B 41 -0.93 -13.99 -3.37
N ALA B 42 -1.90 -14.90 -3.38
CA ALA B 42 -3.31 -14.54 -3.31
C ALA B 42 -3.56 -13.83 -1.98
N PHE B 43 -3.27 -14.53 -0.87
CA PHE B 43 -3.46 -13.99 0.48
C PHE B 43 -2.69 -12.69 0.71
N ASP B 44 -1.49 -12.57 0.13
CA ASP B 44 -0.72 -11.36 0.32
C ASP B 44 -1.40 -10.24 -0.41
N ALA B 45 -1.87 -10.53 -1.61
CA ALA B 45 -2.57 -9.53 -2.43
C ALA B 45 -3.77 -8.96 -1.66
N LEU B 46 -4.54 -9.85 -1.06
CA LEU B 46 -5.70 -9.48 -0.29
C LEU B 46 -5.29 -8.59 0.86
N LEU B 47 -4.36 -9.06 1.66
CA LEU B 47 -3.87 -8.30 2.81
C LEU B 47 -3.38 -6.93 2.38
N GLU B 48 -2.69 -6.88 1.25
CA GLU B 48 -2.19 -5.60 0.75
C GLU B 48 -3.36 -4.63 0.48
N THR B 49 -4.43 -5.21 -0.06
CA THR B 49 -5.64 -4.48 -0.40
C THR B 49 -6.45 -4.06 0.83
N HIS B 50 -6.45 -4.92 1.84
CA HIS B 50 -7.17 -4.64 3.06
C HIS B 50 -6.21 -4.60 4.25
N PRO B 51 -5.26 -3.66 4.24
CA PRO B 51 -4.28 -3.57 5.33
C PRO B 51 -4.89 -3.45 6.72
N VAL B 52 -6.18 -3.18 6.78
CA VAL B 52 -6.90 -3.07 8.04
C VAL B 52 -6.88 -4.43 8.75
N LEU B 53 -6.97 -5.51 7.97
CA LEU B 53 -6.98 -6.86 8.52
C LEU B 53 -5.75 -7.20 9.35
N ALA B 54 -4.64 -6.55 9.06
CA ALA B 54 -3.40 -6.80 9.81
C ALA B 54 -3.46 -5.93 11.05
N SER B 55 -4.12 -6.44 12.09
CA SER B 55 -4.23 -5.70 13.32
C SER B 55 -4.84 -6.54 14.42
N HIS B 56 -5.11 -5.90 15.55
CA HIS B 56 -5.70 -6.54 16.71
C HIS B 56 -6.43 -5.50 17.55
N LEU B 57 -7.09 -5.97 18.61
CA LEU B 57 -7.88 -5.10 19.50
C LEU B 57 -7.27 -4.94 20.90
N GLU B 58 -7.35 -3.73 21.43
CA GLU B 58 -6.84 -3.43 22.76
C GLU B 58 -7.91 -2.71 23.57
N GLN B 59 -8.01 -3.04 24.86
CA GLN B 59 -9.00 -2.40 25.71
C GLN B 59 -8.57 -0.97 26.06
N SER B 60 -9.38 0.00 25.65
CA SER B 60 -9.11 1.40 25.92
C SER B 60 -9.27 1.70 27.42
N SER B 61 -8.60 2.76 27.89
CA SER B 61 -8.68 3.14 29.30
C SER B 61 -10.11 3.57 29.63
N ASP B 62 -10.86 3.95 28.60
CA ASP B 62 -12.24 4.39 28.77
C ASP B 62 -13.16 3.17 28.85
N GLY B 63 -12.64 2.03 28.43
CA GLY B 63 -13.42 0.81 28.45
C GLY B 63 -13.75 0.34 27.05
N GLY B 64 -13.62 1.24 26.08
CA GLY B 64 -13.91 0.87 24.70
C GLY B 64 -12.95 -0.14 24.12
N TRP B 65 -12.71 -0.03 22.82
CA TRP B 65 -11.78 -0.92 22.14
C TRP B 65 -11.09 -0.23 20.99
N ASN B 66 -9.77 -0.28 21.01
CA ASN B 66 -8.97 0.33 19.96
C ASN B 66 -8.57 -0.67 18.88
N LEU B 67 -8.59 -0.20 17.64
CA LEU B 67 -8.18 -1.05 16.54
C LEU B 67 -6.71 -0.71 16.32
N VAL B 68 -5.84 -1.51 16.94
CA VAL B 68 -4.40 -1.30 16.87
C VAL B 68 -3.77 -1.96 15.65
N ALA B 69 -3.06 -1.15 14.88
CA ALA B 69 -2.38 -1.59 13.67
C ALA B 69 -1.22 -2.53 13.94
N ASP B 70 -0.94 -3.37 12.94
CA ASP B 70 0.14 -4.35 13.01
C ASP B 70 0.87 -4.36 11.68
N ASP B 71 2.16 -4.70 11.72
CA ASP B 71 2.94 -4.76 10.50
C ASP B 71 2.26 -5.76 9.58
N LEU B 72 2.23 -5.42 8.30
CA LEU B 72 1.61 -6.30 7.31
C LEU B 72 2.42 -7.58 7.16
N LEU B 73 3.60 -7.63 7.78
CA LEU B 73 4.45 -8.81 7.68
C LEU B 73 3.88 -9.93 8.55
N HIS B 74 3.45 -9.57 9.75
CA HIS B 74 2.88 -10.51 10.69
C HIS B 74 1.51 -11.02 10.26
N SER B 75 1.52 -11.85 9.23
CA SER B 75 0.31 -12.45 8.68
C SER B 75 0.68 -13.45 7.58
N GLY B 76 1.03 -14.66 8.00
CA GLY B 76 1.40 -15.70 7.07
C GLY B 76 0.34 -16.78 7.02
N ILE B 77 0.43 -17.70 6.07
CA ILE B 77 -0.57 -18.75 5.97
C ILE B 77 -0.09 -19.94 6.80
N CYS B 78 -1.01 -20.57 7.52
CA CYS B 78 -0.67 -21.72 8.32
C CYS B 78 -1.04 -22.97 7.53
N VAL B 79 -0.03 -23.77 7.19
CA VAL B 79 -0.25 -25.00 6.44
C VAL B 79 -0.17 -26.20 7.36
N ILE B 80 -1.12 -27.13 7.21
CA ILE B 80 -1.18 -28.29 8.07
C ILE B 80 -1.41 -29.57 7.28
N ASP B 81 -0.84 -30.68 7.76
CA ASP B 81 -0.99 -31.95 7.06
C ASP B 81 -1.83 -32.96 7.86
N ALA B 94 -4.74 -28.15 13.00
CA ALA B 94 -5.99 -28.15 13.76
C ALA B 94 -5.75 -27.68 15.20
N GLU B 95 -4.69 -26.90 15.39
CA GLU B 95 -4.34 -26.37 16.70
C GLU B 95 -4.14 -24.86 16.67
N LEU B 96 -5.21 -24.14 16.31
CA LEU B 96 -5.18 -22.69 16.23
C LEU B 96 -5.59 -22.11 17.57
N ARG B 97 -5.21 -20.85 17.80
CA ARG B 97 -5.55 -20.19 19.04
C ARG B 97 -5.95 -18.75 18.75
N LEU B 98 -7.23 -18.56 18.48
CA LEU B 98 -7.79 -17.25 18.17
C LEU B 98 -7.72 -16.32 19.37
N ASP B 99 -7.40 -15.05 19.11
CA ASP B 99 -7.30 -14.07 20.17
C ASP B 99 -7.37 -12.64 19.58
N GLN B 100 -8.53 -12.02 19.69
CA GLN B 100 -8.73 -10.68 19.16
C GLN B 100 -7.69 -9.64 19.55
N SER B 101 -6.84 -9.95 20.53
CA SER B 101 -5.83 -8.97 20.95
C SER B 101 -4.47 -9.23 20.30
N VAL B 102 -4.44 -10.15 19.35
CA VAL B 102 -3.23 -10.51 18.61
C VAL B 102 -3.48 -10.27 17.14
N SER B 103 -4.28 -11.16 16.56
CA SER B 103 -4.63 -11.11 15.15
C SER B 103 -6.14 -11.20 14.94
N LEU B 104 -6.64 -10.41 13.98
CA LEU B 104 -8.07 -10.42 13.66
C LEU B 104 -8.33 -11.24 12.40
N LEU B 105 -7.25 -11.71 11.77
CA LEU B 105 -7.33 -12.51 10.53
C LEU B 105 -6.50 -13.78 10.65
N HIS B 106 -6.84 -14.81 9.88
CA HIS B 106 -6.09 -16.07 9.93
C HIS B 106 -6.47 -17.02 8.80
N LEU B 107 -5.51 -17.36 7.94
CA LEU B 107 -5.81 -18.30 6.86
C LEU B 107 -5.15 -19.64 7.20
N GLN B 108 -5.96 -20.68 7.36
CA GLN B 108 -5.45 -21.99 7.71
C GLN B 108 -5.77 -23.02 6.64
N LEU B 109 -4.73 -23.58 6.04
CA LEU B 109 -4.92 -24.57 4.99
C LEU B 109 -4.56 -25.97 5.50
N ILE B 110 -5.52 -26.89 5.45
CA ILE B 110 -5.29 -28.26 5.90
C ILE B 110 -5.27 -29.19 4.70
N LEU B 111 -4.08 -29.65 4.36
CA LEU B 111 -3.86 -30.55 3.24
C LEU B 111 -4.40 -31.93 3.59
N ARG B 112 -5.42 -32.36 2.85
CA ARG B 112 -6.03 -33.67 3.06
C ARG B 112 -5.53 -34.62 1.97
N GLU B 113 -6.42 -35.46 1.46
CA GLU B 113 -6.05 -36.41 0.42
C GLU B 113 -5.95 -35.76 -0.97
N GLY B 114 -7.01 -35.90 -1.78
CA GLY B 114 -7.00 -35.33 -3.11
C GLY B 114 -7.46 -33.89 -3.10
N GLY B 115 -7.23 -33.22 -1.98
CA GLY B 115 -7.63 -31.82 -1.83
C GLY B 115 -7.16 -31.25 -0.51
N ALA B 116 -7.82 -30.19 -0.06
CA ALA B 116 -7.48 -29.54 1.20
C ALA B 116 -8.69 -28.82 1.79
N GLU B 117 -8.55 -28.30 3.00
CA GLU B 117 -9.62 -27.58 3.66
C GLU B 117 -9.14 -26.19 4.02
N LEU B 118 -9.20 -25.28 3.06
CA LEU B 118 -8.78 -23.91 3.28
C LEU B 118 -9.84 -23.26 4.17
N THR B 119 -9.41 -22.66 5.28
CA THR B 119 -10.36 -22.00 6.18
C THR B 119 -9.93 -20.60 6.52
N LEU B 120 -10.86 -19.67 6.40
CA LEU B 120 -10.55 -18.27 6.70
C LEU B 120 -11.20 -17.88 8.01
N TYR B 121 -10.43 -17.22 8.86
CA TYR B 121 -10.90 -16.77 10.15
C TYR B 121 -10.87 -15.26 10.14
N LEU B 122 -12.02 -14.66 10.40
CA LEU B 122 -12.11 -13.21 10.37
C LEU B 122 -12.93 -12.75 11.55
N HIS B 123 -12.39 -11.80 12.31
CA HIS B 123 -13.10 -11.25 13.45
C HIS B 123 -14.34 -10.49 12.98
N HIS B 124 -15.48 -10.73 13.63
CA HIS B 124 -16.71 -10.07 13.22
C HIS B 124 -16.69 -8.54 13.36
N CYS B 125 -15.83 -8.02 14.22
CA CYS B 125 -15.73 -6.58 14.39
C CYS B 125 -15.15 -6.01 13.11
N MET B 126 -14.67 -6.87 12.24
CA MET B 126 -14.05 -6.43 10.99
C MET B 126 -14.99 -6.42 9.80
N ALA B 127 -15.72 -7.52 9.64
CA ALA B 127 -16.61 -7.62 8.50
C ALA B 127 -17.88 -8.40 8.81
N ASP B 128 -18.99 -8.00 8.20
CA ASP B 128 -20.23 -8.73 8.41
C ASP B 128 -20.30 -9.75 7.29
N GLY B 129 -21.20 -10.71 7.45
CA GLY B 129 -21.36 -11.75 6.46
C GLY B 129 -21.15 -11.31 5.02
N HIS B 130 -21.62 -10.13 4.66
CA HIS B 130 -21.50 -9.63 3.29
C HIS B 130 -20.02 -9.27 3.05
N HIS B 131 -19.50 -8.36 3.87
CA HIS B 131 -18.13 -7.90 3.76
C HIS B 131 -17.21 -9.13 3.71
N GLY B 132 -17.47 -10.08 4.59
CA GLY B 132 -16.67 -11.29 4.67
C GLY B 132 -16.80 -12.21 3.48
N ALA B 133 -18.01 -12.39 2.97
CA ALA B 133 -18.19 -13.27 1.84
C ALA B 133 -17.47 -12.70 0.62
N VAL B 134 -17.41 -11.37 0.49
CA VAL B 134 -16.71 -10.76 -0.64
C VAL B 134 -15.22 -10.97 -0.46
N LEU B 135 -14.75 -10.85 0.78
CA LEU B 135 -13.33 -11.07 1.05
C LEU B 135 -12.87 -12.45 0.58
N VAL B 136 -13.60 -13.49 0.96
CA VAL B 136 -13.26 -14.85 0.56
C VAL B 136 -13.24 -14.97 -0.97
N ASP B 137 -14.26 -14.40 -1.60
CA ASP B 137 -14.41 -14.39 -3.06
C ASP B 137 -13.17 -13.78 -3.70
N GLU B 138 -12.74 -12.65 -3.14
CA GLU B 138 -11.56 -11.95 -3.62
C GLU B 138 -10.34 -12.88 -3.54
N LEU B 139 -10.18 -13.55 -2.41
CA LEU B 139 -9.09 -14.46 -2.24
C LEU B 139 -9.08 -15.42 -3.42
N PHE B 140 -10.13 -16.23 -3.52
CA PHE B 140 -10.26 -17.21 -4.62
C PHE B 140 -10.18 -16.59 -6.02
N SER B 141 -10.42 -15.28 -6.12
CA SER B 141 -10.36 -14.64 -7.41
C SER B 141 -8.91 -14.34 -7.75
N ARG B 142 -8.15 -13.92 -6.74
CA ARG B 142 -6.75 -13.65 -6.95
C ARG B 142 -6.03 -15.00 -7.06
N TYR B 143 -6.39 -15.96 -6.21
CA TYR B 143 -5.76 -17.25 -6.30
C TYR B 143 -5.88 -17.82 -7.70
N THR B 144 -7.10 -17.84 -8.21
CA THR B 144 -7.36 -18.36 -9.56
C THR B 144 -6.51 -17.61 -10.59
N ASP B 145 -6.45 -16.29 -10.45
CA ASP B 145 -5.67 -15.48 -11.37
C ASP B 145 -4.17 -15.79 -11.24
N ALA B 146 -3.70 -15.91 -10.01
CA ALA B 146 -2.30 -16.22 -9.76
C ALA B 146 -1.96 -17.58 -10.35
N VAL B 147 -2.88 -18.54 -10.22
CA VAL B 147 -2.61 -19.88 -10.76
C VAL B 147 -2.70 -19.90 -12.28
N THR B 148 -3.54 -19.04 -12.84
CA THR B 148 -3.72 -18.99 -14.28
C THR B 148 -2.69 -18.07 -14.92
N THR B 149 -2.19 -17.14 -14.12
CA THR B 149 -1.19 -16.18 -14.55
C THR B 149 -0.32 -15.82 -13.34
N GLY B 150 0.93 -15.47 -13.59
CA GLY B 150 1.80 -15.14 -12.46
C GLY B 150 1.36 -13.86 -11.79
N ASP B 151 0.16 -13.41 -12.12
CA ASP B 151 -0.37 -12.18 -11.54
C ASP B 151 -1.73 -12.47 -10.90
N PRO B 152 -1.82 -12.32 -9.57
CA PRO B 152 -3.06 -12.55 -8.84
C PRO B 152 -4.00 -11.35 -9.00
N GLY B 153 -3.55 -10.32 -9.69
CA GLY B 153 -4.40 -9.16 -9.91
C GLY B 153 -3.89 -7.83 -9.39
N PRO B 154 -4.29 -6.72 -10.02
CA PRO B 154 -3.81 -5.42 -9.53
C PRO B 154 -4.27 -5.09 -8.10
N ILE B 155 -3.37 -4.50 -7.34
CA ILE B 155 -3.64 -4.15 -5.96
C ILE B 155 -3.82 -2.66 -5.70
N THR B 156 -4.88 -2.33 -5.00
CA THR B 156 -5.15 -0.94 -4.65
C THR B 156 -5.58 -0.97 -3.22
N PRO B 157 -4.63 -0.74 -2.29
CA PRO B 157 -4.99 -0.74 -0.88
C PRO B 157 -6.21 0.15 -0.57
N GLN B 158 -7.11 -0.37 0.25
CA GLN B 158 -8.30 0.36 0.64
C GLN B 158 -8.16 0.97 2.05
N PRO B 159 -8.74 2.15 2.27
CA PRO B 159 -8.67 2.82 3.58
C PRO B 159 -9.49 2.09 4.63
N THR B 160 -9.27 2.44 5.89
CA THR B 160 -10.00 1.80 6.97
C THR B 160 -11.49 1.80 6.71
N PRO B 161 -12.08 0.62 6.51
CA PRO B 161 -13.51 0.63 6.26
C PRO B 161 -14.28 1.34 7.37
N LEU B 162 -15.32 2.07 6.99
CA LEU B 162 -16.13 2.83 7.94
C LEU B 162 -17.03 1.99 8.83
N SER B 163 -17.28 2.49 10.03
CA SER B 163 -18.17 1.81 10.96
C SER B 163 -19.58 2.17 10.50
N MET B 164 -20.56 1.35 10.85
CA MET B 164 -21.91 1.66 10.44
C MET B 164 -22.25 3.07 10.90
N GLU B 165 -21.97 3.40 12.16
CA GLU B 165 -22.29 4.75 12.61
C GLU B 165 -21.58 5.84 11.84
N ALA B 166 -20.42 5.54 11.30
CA ALA B 166 -19.69 6.52 10.51
C ALA B 166 -20.45 6.73 9.19
N VAL B 167 -21.03 5.66 8.66
CA VAL B 167 -21.78 5.71 7.42
C VAL B 167 -23.06 6.53 7.61
N LEU B 168 -23.69 6.35 8.76
CA LEU B 168 -24.92 7.04 9.09
C LEU B 168 -24.68 8.53 9.21
N ALA B 169 -23.81 8.90 10.14
CA ALA B 169 -23.46 10.29 10.36
C ALA B 169 -23.13 10.98 9.03
N GLN B 170 -22.33 10.29 8.24
CA GLN B 170 -21.91 10.77 6.93
C GLN B 170 -23.09 11.23 6.08
N ARG B 171 -24.25 10.61 6.30
CA ARG B 171 -25.48 10.90 5.57
C ARG B 171 -26.46 11.72 6.37
N GLY B 172 -26.05 12.13 7.55
CA GLY B 172 -26.92 12.92 8.40
C GLY B 172 -27.60 12.11 9.48
N ILE B 173 -28.02 10.88 9.18
CA ILE B 173 -28.69 10.04 10.16
C ILE B 173 -28.01 10.11 11.54
N ARG B 174 -28.81 10.31 12.59
CA ARG B 174 -28.29 10.44 13.95
C ARG B 174 -28.84 9.43 14.98
N LYS B 175 -30.14 9.53 15.27
CA LYS B 175 -30.78 8.65 16.24
C LYS B 175 -32.31 8.80 16.22
N ALA B 181 -36.58 -4.35 19.26
CA ALA B 181 -36.43 -3.40 20.36
C ALA B 181 -37.66 -2.51 20.49
N GLU B 182 -37.84 -1.62 19.51
CA GLU B 182 -38.95 -0.67 19.47
C GLU B 182 -40.35 -1.29 19.36
N ARG B 183 -40.52 -2.18 18.40
CA ARG B 183 -41.78 -2.87 18.14
C ARG B 183 -42.06 -3.94 19.19
N PHE B 184 -41.07 -4.18 20.04
CA PHE B 184 -41.19 -5.20 21.07
C PHE B 184 -41.50 -4.61 22.44
N MET B 185 -41.42 -3.29 22.53
CA MET B 185 -41.68 -2.55 23.78
C MET B 185 -42.93 -3.05 24.51
N SER B 186 -44.06 -2.92 23.85
CA SER B 186 -45.34 -3.34 24.39
C SER B 186 -45.38 -4.78 24.89
N VAL B 187 -44.38 -5.57 24.53
CA VAL B 187 -44.37 -6.98 24.92
C VAL B 187 -43.55 -7.21 26.18
N MET B 188 -42.92 -6.15 26.67
CA MET B 188 -42.08 -6.23 27.84
C MET B 188 -42.81 -6.72 29.09
N TYR B 189 -42.40 -7.91 29.53
CA TYR B 189 -42.95 -8.55 30.71
C TYR B 189 -44.46 -8.73 30.61
N ALA B 190 -44.96 -8.70 29.38
CA ALA B 190 -46.37 -8.83 29.11
C ALA B 190 -46.77 -10.29 29.07
N TYR B 191 -45.78 -11.17 29.06
CA TYR B 191 -46.08 -12.59 29.01
C TYR B 191 -45.30 -13.39 30.02
N GLU B 192 -45.84 -14.54 30.38
CA GLU B 192 -45.22 -15.41 31.34
C GLU B 192 -44.24 -16.33 30.62
N ILE B 193 -43.02 -15.85 30.42
CA ILE B 193 -41.99 -16.62 29.74
C ILE B 193 -41.26 -17.57 30.68
N PRO B 194 -41.54 -18.89 30.56
CA PRO B 194 -40.89 -19.89 31.42
C PRO B 194 -39.47 -20.17 30.93
N ALA B 195 -38.50 -19.44 31.46
CA ALA B 195 -37.11 -19.62 31.05
C ALA B 195 -36.58 -21.00 31.46
N THR B 196 -37.20 -22.05 30.91
CA THR B 196 -36.80 -23.43 31.20
C THR B 196 -35.59 -23.79 30.34
N GLU B 197 -35.19 -22.84 29.49
CA GLU B 197 -34.05 -22.99 28.60
C GLU B 197 -32.72 -23.05 29.37
N THR B 198 -32.21 -24.26 29.60
CA THR B 198 -30.94 -24.45 30.32
C THR B 198 -29.83 -24.87 29.36
N PRO B 199 -28.71 -24.13 29.33
CA PRO B 199 -27.58 -24.44 28.45
C PRO B 199 -26.47 -25.31 29.07
N ALA B 200 -25.92 -26.22 28.27
CA ALA B 200 -24.82 -27.11 28.70
C ALA B 200 -23.74 -27.04 27.61
N VAL B 201 -22.51 -26.71 28.00
CA VAL B 201 -21.44 -26.59 27.02
C VAL B 201 -20.17 -27.32 27.43
N LEU B 202 -19.85 -28.40 26.71
CA LEU B 202 -18.65 -29.16 27.02
C LEU B 202 -17.49 -28.74 26.12
N ALA B 203 -17.19 -27.44 26.15
CA ALA B 203 -16.09 -26.91 25.34
C ALA B 203 -14.88 -26.55 26.20
N HIS B 204 -13.71 -26.96 25.72
CA HIS B 204 -12.43 -26.71 26.38
C HIS B 204 -12.34 -25.25 26.83
N PRO B 205 -11.91 -24.99 28.08
CA PRO B 205 -11.80 -23.61 28.57
C PRO B 205 -10.97 -22.72 27.65
N GLY B 206 -10.72 -21.49 28.09
CA GLY B 206 -9.97 -20.55 27.28
C GLY B 206 -10.87 -19.37 27.00
N LEU B 207 -11.13 -19.07 25.72
CA LEU B 207 -12.01 -17.96 25.37
C LEU B 207 -12.95 -18.17 24.16
N PRO B 208 -12.40 -18.33 22.93
CA PRO B 208 -13.33 -18.54 21.81
C PRO B 208 -13.38 -19.96 21.25
N GLN B 209 -14.46 -20.69 21.54
CA GLN B 209 -14.59 -22.05 21.01
C GLN B 209 -15.66 -22.06 19.92
N ALA B 210 -15.66 -23.12 19.12
CA ALA B 210 -16.62 -23.23 18.03
C ALA B 210 -18.07 -23.31 18.49
N VAL B 211 -18.91 -22.51 17.85
CA VAL B 211 -20.34 -22.53 18.18
C VAL B 211 -21.00 -23.59 17.29
N PRO B 212 -21.67 -24.58 17.90
CA PRO B 212 -22.33 -25.65 17.14
C PRO B 212 -23.26 -25.15 16.04
N VAL B 213 -23.44 -25.98 15.01
CA VAL B 213 -24.28 -25.68 13.86
C VAL B 213 -24.90 -26.99 13.36
N THR B 214 -26.03 -26.90 12.67
CA THR B 214 -26.67 -28.08 12.12
C THR B 214 -27.21 -27.61 10.78
N ARG B 215 -26.81 -28.28 9.71
CA ARG B 215 -27.25 -27.89 8.37
C ARG B 215 -28.21 -28.90 7.78
N LEU B 216 -28.96 -28.47 6.78
CA LEU B 216 -29.90 -29.31 6.08
C LEU B 216 -30.04 -28.77 4.67
N TRP B 217 -30.08 -29.67 3.70
CA TRP B 217 -30.19 -29.27 2.30
C TRP B 217 -31.55 -29.65 1.71
N LEU B 218 -31.85 -29.09 0.54
CA LEU B 218 -33.07 -29.39 -0.20
C LEU B 218 -32.63 -29.65 -1.63
N SER B 219 -33.01 -30.80 -2.17
CA SER B 219 -32.66 -31.15 -3.54
C SER B 219 -32.95 -29.96 -4.44
N LYS B 220 -32.22 -29.82 -5.53
CA LYS B 220 -32.46 -28.69 -6.43
C LYS B 220 -33.96 -28.62 -6.77
N GLN B 221 -34.58 -29.77 -7.02
CA GLN B 221 -36.01 -29.82 -7.36
C GLN B 221 -36.87 -29.14 -6.30
N GLN B 222 -36.60 -29.43 -5.04
CA GLN B 222 -37.38 -28.84 -3.96
C GLN B 222 -37.10 -27.34 -3.88
N THR B 223 -35.83 -26.98 -4.00
CA THR B 223 -35.48 -25.57 -3.97
C THR B 223 -36.17 -24.88 -5.14
N SER B 224 -36.17 -25.54 -6.30
CA SER B 224 -36.80 -24.99 -7.50
C SER B 224 -38.32 -24.82 -7.29
N ASP B 225 -38.96 -25.81 -6.70
CA ASP B 225 -40.40 -25.75 -6.45
C ASP B 225 -40.73 -24.69 -5.41
N LEU B 226 -39.93 -24.64 -4.36
CA LEU B 226 -40.17 -23.65 -3.32
C LEU B 226 -40.08 -22.26 -3.92
N MET B 227 -39.05 -22.03 -4.73
CA MET B 227 -38.85 -20.73 -5.37
C MET B 227 -40.04 -20.37 -6.24
N ALA B 228 -40.56 -21.33 -7.00
CA ALA B 228 -41.72 -21.06 -7.85
C ALA B 228 -42.92 -20.69 -6.96
N PHE B 229 -43.02 -21.32 -5.79
CA PHE B 229 -44.08 -21.06 -4.83
C PHE B 229 -44.06 -19.59 -4.44
N GLY B 230 -42.91 -19.12 -3.97
CA GLY B 230 -42.76 -17.74 -3.57
C GLY B 230 -43.09 -16.75 -4.67
N ARG B 231 -42.59 -16.99 -5.88
CA ARG B 231 -42.88 -16.10 -7.00
C ARG B 231 -44.37 -16.12 -7.35
N GLU B 232 -44.92 -17.32 -7.49
CA GLU B 232 -46.34 -17.47 -7.81
C GLU B 232 -47.20 -16.92 -6.68
N HIS B 233 -46.60 -16.10 -5.82
CA HIS B 233 -47.28 -15.51 -4.69
C HIS B 233 -46.66 -14.17 -4.32
N ARG B 234 -45.89 -13.61 -5.23
CA ARG B 234 -45.25 -12.33 -4.99
C ARG B 234 -44.49 -12.28 -3.65
N LEU B 235 -43.80 -13.37 -3.31
CA LEU B 235 -43.01 -13.46 -2.08
C LEU B 235 -41.54 -13.84 -2.33
N SER B 236 -40.66 -13.34 -1.47
CA SER B 236 -39.25 -13.62 -1.58
C SER B 236 -38.96 -14.97 -0.92
N LEU B 237 -37.90 -15.63 -1.37
CA LEU B 237 -37.50 -16.91 -0.83
C LEU B 237 -37.35 -16.79 0.67
N ASN B 238 -36.67 -15.73 1.09
CA ASN B 238 -36.48 -15.53 2.52
C ASN B 238 -37.81 -15.41 3.19
N ALA B 239 -38.74 -14.71 2.53
CA ALA B 239 -40.08 -14.52 3.06
C ALA B 239 -40.68 -15.86 3.47
N VAL B 240 -40.77 -16.79 2.51
CA VAL B 240 -41.33 -18.09 2.80
C VAL B 240 -40.51 -18.83 3.86
N VAL B 241 -39.18 -18.76 3.76
CA VAL B 241 -38.37 -19.44 4.76
C VAL B 241 -38.62 -18.86 6.16
N ALA B 242 -38.62 -17.53 6.30
CA ALA B 242 -38.85 -16.93 7.63
C ALA B 242 -40.20 -17.40 8.22
N ALA B 243 -41.23 -17.40 7.37
CA ALA B 243 -42.57 -17.82 7.74
C ALA B 243 -42.51 -19.26 8.24
N ALA B 244 -41.95 -20.14 7.41
CA ALA B 244 -41.82 -21.55 7.80
C ALA B 244 -41.10 -21.62 9.14
N ILE B 245 -39.96 -20.94 9.27
CA ILE B 245 -39.23 -20.98 10.53
C ILE B 245 -40.09 -20.59 11.73
N LEU B 246 -40.76 -19.44 11.62
CA LEU B 246 -41.62 -18.96 12.69
C LEU B 246 -42.73 -19.95 12.96
N LEU B 247 -43.39 -20.43 11.92
CA LEU B 247 -44.49 -21.39 12.11
C LEU B 247 -43.97 -22.59 12.89
N THR B 248 -42.73 -22.99 12.62
CA THR B 248 -42.14 -24.15 13.30
C THR B 248 -41.75 -23.82 14.73
N GLU B 249 -41.19 -22.64 14.96
CA GLU B 249 -40.80 -22.27 16.31
C GLU B 249 -42.06 -22.11 17.15
N TRP B 250 -43.22 -22.19 16.50
CA TRP B 250 -44.45 -22.07 17.26
C TRP B 250 -44.77 -23.44 17.84
N GLN B 251 -44.88 -24.44 16.97
CA GLN B 251 -45.18 -25.81 17.42
C GLN B 251 -44.33 -26.18 18.63
N LEU B 252 -43.02 -26.15 18.44
CA LEU B 252 -42.04 -26.48 19.47
C LEU B 252 -42.33 -25.83 20.81
N ARG B 253 -42.37 -24.50 20.82
CA ARG B 253 -42.66 -23.76 22.04
C ARG B 253 -44.11 -24.09 22.32
N ASN B 254 -44.35 -25.03 23.21
CA ASN B 254 -45.72 -25.40 23.50
C ASN B 254 -46.43 -24.30 24.31
N THR B 255 -46.30 -23.07 23.83
CA THR B 255 -46.90 -21.89 24.46
C THR B 255 -47.78 -21.17 23.46
N PRO B 256 -48.85 -21.83 22.99
CA PRO B 256 -49.79 -21.27 22.02
C PRO B 256 -50.20 -19.85 22.36
N HIS B 257 -50.68 -19.12 21.37
CA HIS B 257 -51.12 -17.76 21.58
C HIS B 257 -50.15 -16.93 22.44
N VAL B 258 -48.94 -16.75 21.92
CA VAL B 258 -47.88 -15.96 22.55
C VAL B 258 -47.06 -15.43 21.36
N PRO B 259 -46.84 -14.11 21.31
CA PRO B 259 -46.08 -13.52 20.22
C PRO B 259 -44.68 -14.08 20.14
N ILE B 260 -44.12 -14.07 18.94
CA ILE B 260 -42.77 -14.56 18.70
C ILE B 260 -41.99 -13.42 18.08
N PRO B 261 -41.16 -12.74 18.88
CA PRO B 261 -40.36 -11.64 18.32
C PRO B 261 -39.34 -12.16 17.33
N TYR B 262 -39.36 -11.59 16.14
CA TYR B 262 -38.48 -12.00 15.08
C TYR B 262 -37.55 -10.86 14.64
N VAL B 263 -36.27 -11.15 14.46
CA VAL B 263 -35.34 -10.12 14.02
C VAL B 263 -34.40 -10.67 12.97
N TYR B 264 -34.35 -10.00 11.82
CA TYR B 264 -33.47 -10.39 10.72
C TYR B 264 -32.68 -9.19 10.23
N PRO B 265 -31.56 -9.46 9.54
CA PRO B 265 -30.70 -8.39 9.02
C PRO B 265 -31.25 -7.67 7.78
N VAL B 266 -30.82 -6.42 7.62
CA VAL B 266 -31.18 -5.60 6.49
C VAL B 266 -29.89 -4.87 6.11
N ASP B 267 -29.21 -5.38 5.08
CA ASP B 267 -27.94 -4.79 4.64
C ASP B 267 -28.16 -3.36 4.15
N LEU B 268 -27.92 -2.40 5.02
CA LEU B 268 -28.12 -1.00 4.63
C LEU B 268 -27.37 -0.59 3.35
N ARG B 269 -26.34 -1.32 2.96
CA ARG B 269 -25.59 -1.03 1.74
C ARG B 269 -26.53 -0.86 0.56
N PHE B 270 -27.64 -1.59 0.61
CA PHE B 270 -28.61 -1.54 -0.48
C PHE B 270 -29.73 -0.53 -0.22
N VAL B 271 -29.68 0.13 0.92
CA VAL B 271 -30.72 1.07 1.30
C VAL B 271 -30.31 2.52 1.39
N LEU B 272 -29.17 2.74 2.03
CA LEU B 272 -28.64 4.08 2.26
C LEU B 272 -28.29 4.82 0.98
N ALA B 273 -28.70 6.08 0.98
CA ALA B 273 -28.52 7.02 -0.13
C ALA B 273 -27.26 6.73 -0.93
N PRO B 274 -26.17 7.51 -0.72
CA PRO B 274 -25.03 7.11 -1.56
C PRO B 274 -24.76 5.68 -1.14
N PRO B 275 -24.94 4.71 -2.07
CA PRO B 275 -24.72 3.29 -1.79
C PRO B 275 -23.33 3.04 -1.26
N VAL B 276 -23.22 2.04 -0.39
CA VAL B 276 -21.95 1.68 0.23
C VAL B 276 -21.47 0.32 -0.26
N ALA B 277 -20.20 0.20 -0.58
CA ALA B 277 -19.71 -1.08 -1.09
C ALA B 277 -19.55 -2.10 0.03
N PRO B 278 -19.51 -3.39 -0.32
CA PRO B 278 -19.35 -4.40 0.72
C PRO B 278 -18.14 -4.20 1.64
N THR B 279 -16.97 -3.89 1.09
CA THR B 279 -15.81 -3.70 1.97
C THR B 279 -15.56 -2.26 2.34
N GLU B 280 -16.51 -1.42 1.98
CA GLU B 280 -16.41 0.00 2.30
C GLU B 280 -16.71 0.26 3.76
N ALA B 281 -17.53 -0.62 4.35
CA ALA B 281 -17.93 -0.51 5.75
C ALA B 281 -17.77 -1.84 6.47
N THR B 282 -17.42 -1.77 7.75
CA THR B 282 -17.23 -2.96 8.56
C THR B 282 -18.48 -3.84 8.56
N ASN B 283 -19.43 -3.45 9.42
CA ASN B 283 -20.71 -4.11 9.61
C ASN B 283 -21.81 -3.09 9.34
N LEU B 284 -22.62 -3.34 8.31
CA LEU B 284 -23.69 -2.43 8.00
C LEU B 284 -25.00 -3.21 7.82
N LEU B 285 -25.21 -4.18 8.70
CA LEU B 285 -26.45 -4.95 8.64
C LEU B 285 -27.41 -4.35 9.67
N GLY B 286 -28.42 -3.65 9.16
CA GLY B 286 -29.41 -3.07 10.04
C GLY B 286 -30.26 -4.20 10.58
N ALA B 287 -31.16 -3.86 11.50
CA ALA B 287 -32.01 -4.90 12.09
C ALA B 287 -33.50 -4.65 11.85
N ALA B 288 -34.17 -5.56 11.17
CA ALA B 288 -35.60 -5.38 10.98
C ALA B 288 -36.26 -6.15 12.11
N SER B 289 -37.36 -5.60 12.61
CA SER B 289 -38.10 -6.26 13.70
C SER B 289 -39.49 -6.59 13.19
N TYR B 290 -40.08 -7.61 13.77
CA TYR B 290 -41.41 -8.04 13.38
C TYR B 290 -41.93 -8.92 14.51
N LEU B 291 -43.18 -8.70 14.90
CA LEU B 291 -43.78 -9.50 15.96
C LEU B 291 -44.66 -10.57 15.33
N ALA B 292 -44.26 -11.83 15.45
CA ALA B 292 -45.02 -12.93 14.88
C ALA B 292 -46.13 -13.45 15.79
N GLU B 293 -47.37 -13.25 15.36
CA GLU B 293 -48.51 -13.72 16.13
C GLU B 293 -49.13 -14.88 15.40
N ILE B 294 -48.59 -16.06 15.69
CA ILE B 294 -49.04 -17.29 15.07
C ILE B 294 -50.13 -17.97 15.85
N GLY B 295 -51.07 -18.54 15.10
CA GLY B 295 -52.18 -19.26 15.69
C GLY B 295 -52.30 -20.62 15.03
N PRO B 296 -53.21 -21.47 15.51
CA PRO B 296 -53.33 -22.79 14.89
C PRO B 296 -53.68 -22.71 13.41
N ASN B 297 -54.14 -21.56 12.95
CA ASN B 297 -54.53 -21.45 11.56
C ASN B 297 -53.78 -20.46 10.70
N THR B 298 -52.72 -19.88 11.25
CA THR B 298 -51.90 -18.94 10.50
C THR B 298 -51.54 -19.51 9.15
N ASP B 299 -51.78 -18.72 8.11
CA ASP B 299 -51.46 -19.13 6.75
C ASP B 299 -50.03 -18.80 6.35
N ILE B 300 -49.35 -19.77 5.73
CA ILE B 300 -47.96 -19.57 5.34
C ILE B 300 -47.78 -18.35 4.46
N VAL B 301 -48.62 -18.21 3.42
CA VAL B 301 -48.48 -17.06 2.55
C VAL B 301 -48.87 -15.76 3.24
N ASP B 302 -49.91 -15.78 4.07
CA ASP B 302 -50.29 -14.56 4.75
C ASP B 302 -49.15 -14.09 5.61
N LEU B 303 -48.67 -14.97 6.50
CA LEU B 303 -47.55 -14.64 7.38
C LEU B 303 -46.39 -13.97 6.62
N ALA B 304 -45.84 -14.66 5.62
CA ALA B 304 -44.73 -14.15 4.80
C ALA B 304 -45.04 -12.77 4.27
N SER B 305 -46.18 -12.68 3.61
CA SER B 305 -46.65 -11.44 3.02
C SER B 305 -46.57 -10.31 4.02
N ASP B 306 -47.13 -10.55 5.19
CA ASP B 306 -47.15 -9.52 6.21
C ASP B 306 -45.76 -9.09 6.64
N ILE B 307 -44.88 -10.06 6.81
CA ILE B 307 -43.50 -9.79 7.22
C ILE B 307 -42.86 -8.81 6.23
N VAL B 308 -43.10 -9.05 4.94
CA VAL B 308 -42.56 -8.18 3.91
C VAL B 308 -43.18 -6.79 3.93
N ALA B 309 -44.49 -6.70 4.13
CA ALA B 309 -45.18 -5.41 4.19
C ALA B 309 -44.55 -4.57 5.29
N THR B 310 -44.46 -5.16 6.47
CA THR B 310 -43.88 -4.50 7.64
C THR B 310 -42.49 -3.93 7.28
N LEU B 311 -41.71 -4.69 6.51
CA LEU B 311 -40.38 -4.23 6.12
C LEU B 311 -40.46 -3.03 5.19
N ARG B 312 -41.31 -3.15 4.17
CA ARG B 312 -41.48 -2.07 3.22
C ARG B 312 -41.88 -0.81 3.96
N ALA B 313 -42.91 -0.94 4.78
CA ALA B 313 -43.40 0.19 5.56
C ALA B 313 -42.25 0.83 6.31
N ASP B 314 -41.55 0.02 7.12
CA ASP B 314 -40.41 0.51 7.90
C ASP B 314 -39.41 1.33 7.11
N LEU B 315 -39.09 0.85 5.91
CA LEU B 315 -38.14 1.53 5.04
C LEU B 315 -38.65 2.89 4.58
N ALA B 316 -39.94 2.92 4.20
CA ALA B 316 -40.62 4.12 3.76
C ALA B 316 -40.70 5.17 4.85
N ASN B 317 -40.65 4.70 6.10
CA ASN B 317 -40.71 5.58 7.26
C ASN B 317 -39.32 5.88 7.79
N GLY B 318 -38.33 5.24 7.16
CA GLY B 318 -36.94 5.42 7.54
C GLY B 318 -36.67 4.77 8.87
N VAL B 319 -37.43 3.73 9.21
CA VAL B 319 -37.23 3.07 10.49
C VAL B 319 -35.89 2.38 10.59
N ILE B 320 -35.58 1.52 9.62
CA ILE B 320 -34.33 0.80 9.66
C ILE B 320 -33.13 1.72 9.55
N GLN B 321 -33.20 2.69 8.63
CA GLN B 321 -32.09 3.62 8.44
C GLN B 321 -31.72 4.37 9.71
N GLN B 322 -32.72 4.91 10.40
CA GLN B 322 -32.48 5.71 11.61
C GLN B 322 -32.69 5.00 12.93
N SER B 323 -32.99 3.71 12.86
CA SER B 323 -33.21 2.91 14.04
C SER B 323 -32.01 2.94 14.97
N GLY B 324 -30.84 2.79 14.37
CA GLY B 324 -29.63 2.76 15.17
C GLY B 324 -29.39 1.34 15.67
N LEU B 325 -30.22 0.38 15.25
CA LEU B 325 -30.07 -1.01 15.67
C LEU B 325 -29.37 -1.86 14.62
N HIS B 326 -28.37 -2.63 15.05
CA HIS B 326 -27.62 -3.49 14.15
C HIS B 326 -27.96 -4.96 14.38
N PHE B 327 -27.66 -5.81 13.41
CA PHE B 327 -27.95 -7.24 13.56
C PHE B 327 -27.03 -7.86 14.57
N GLY B 328 -25.97 -7.14 14.91
CA GLY B 328 -25.02 -7.63 15.90
C GLY B 328 -25.71 -7.98 17.20
N THR B 329 -26.93 -7.47 17.42
CA THR B 329 -27.65 -7.78 18.65
C THR B 329 -28.01 -9.26 18.73
N ALA B 330 -27.83 -9.98 17.63
CA ALA B 330 -28.15 -11.40 17.63
C ALA B 330 -27.26 -12.13 18.62
N PHE B 331 -26.07 -11.57 18.87
CA PHE B 331 -25.13 -12.19 19.82
C PHE B 331 -25.48 -11.92 21.28
N GLU B 332 -26.29 -10.88 21.51
CA GLU B 332 -26.74 -10.51 22.86
C GLU B 332 -27.92 -11.38 23.31
N GLY B 333 -28.41 -12.22 22.39
CA GLY B 333 -29.52 -13.10 22.71
C GLY B 333 -30.89 -12.45 22.85
N THR B 334 -31.68 -12.98 23.77
CA THR B 334 -33.03 -12.48 24.06
C THR B 334 -33.01 -11.57 25.29
N PRO B 335 -33.30 -10.28 25.10
CA PRO B 335 -33.31 -9.33 26.22
C PRO B 335 -34.39 -9.65 27.25
N PRO B 336 -34.02 -9.64 28.55
CA PRO B 336 -34.98 -9.94 29.62
C PRO B 336 -36.28 -9.14 29.51
N GLY B 337 -37.39 -9.86 29.65
CA GLY B 337 -38.69 -9.23 29.56
C GLY B 337 -39.31 -9.46 28.21
N LEU B 338 -38.81 -10.47 27.50
CA LEU B 338 -39.35 -10.79 26.18
C LEU B 338 -39.28 -12.27 25.93
N PRO B 339 -40.23 -12.80 25.18
CA PRO B 339 -40.19 -14.23 24.91
C PRO B 339 -39.02 -14.53 23.96
N PRO B 340 -38.47 -15.76 23.99
CA PRO B 340 -37.34 -16.12 23.11
C PRO B 340 -37.41 -15.55 21.69
N LEU B 341 -36.45 -14.71 21.34
CA LEU B 341 -36.41 -14.13 20.01
C LEU B 341 -35.94 -15.14 18.99
N VAL B 342 -36.19 -14.83 17.73
CA VAL B 342 -35.80 -15.67 16.64
C VAL B 342 -34.99 -14.84 15.64
N PHE B 343 -33.81 -15.33 15.28
CA PHE B 343 -32.97 -14.61 14.32
C PHE B 343 -32.66 -15.46 13.12
N CYS B 344 -32.82 -14.86 11.95
CA CYS B 344 -32.53 -15.58 10.73
C CYS B 344 -31.64 -14.70 9.88
N THR B 345 -30.78 -15.34 9.08
CA THR B 345 -29.86 -14.61 8.20
C THR B 345 -29.83 -15.14 6.79
N ASP B 346 -29.47 -14.25 5.88
CA ASP B 346 -29.30 -14.58 4.47
C ASP B 346 -28.17 -13.71 3.93
N ALA B 347 -27.53 -12.95 4.83
CA ALA B 347 -26.45 -12.03 4.51
C ALA B 347 -25.11 -12.72 4.28
N THR B 348 -25.12 -14.04 4.17
CA THR B 348 -23.90 -14.80 3.93
C THR B 348 -24.12 -15.87 2.85
N SER B 349 -23.40 -15.73 1.73
CA SER B 349 -23.50 -16.65 0.59
C SER B 349 -22.40 -16.34 -0.44
N PHE B 350 -21.99 -17.34 -1.23
CA PHE B 350 -20.94 -17.15 -2.23
C PHE B 350 -21.34 -17.68 -3.61
N PRO B 351 -22.10 -16.90 -4.38
CA PRO B 351 -22.55 -17.32 -5.70
C PRO B 351 -21.56 -17.03 -6.82
N THR B 352 -20.42 -16.46 -6.49
CA THR B 352 -19.42 -16.13 -7.51
C THR B 352 -17.99 -16.60 -7.21
N MET B 353 -17.86 -17.70 -6.46
CA MET B 353 -16.55 -18.24 -6.12
C MET B 353 -15.83 -18.78 -7.34
N ARG B 354 -14.58 -18.39 -7.53
CA ARG B 354 -13.79 -18.84 -8.67
C ARG B 354 -12.64 -19.77 -8.28
N THR B 355 -12.32 -20.69 -9.19
CA THR B 355 -11.21 -21.61 -8.98
C THR B 355 -10.65 -21.92 -10.35
N PRO B 356 -9.31 -22.09 -10.44
CA PRO B 356 -8.62 -22.40 -11.70
C PRO B 356 -8.95 -23.83 -12.09
N PRO B 357 -8.72 -24.18 -13.37
CA PRO B 357 -9.00 -25.53 -13.89
C PRO B 357 -8.42 -26.71 -13.11
N GLY B 358 -7.64 -26.42 -12.08
CA GLY B 358 -7.09 -27.50 -11.28
C GLY B 358 -7.91 -27.78 -10.04
N LEU B 359 -8.64 -26.76 -9.57
CA LEU B 359 -9.45 -26.87 -8.37
C LEU B 359 -10.97 -26.88 -8.58
N GLU B 360 -11.67 -27.57 -7.68
CA GLU B 360 -13.12 -27.66 -7.73
C GLU B 360 -13.66 -27.57 -6.30
N ILE B 361 -14.53 -26.60 -6.03
CA ILE B 361 -15.09 -26.46 -4.68
C ILE B 361 -16.14 -27.52 -4.40
N GLU B 362 -15.95 -28.26 -3.32
CA GLU B 362 -16.87 -29.34 -2.94
C GLU B 362 -17.94 -28.92 -1.93
N ASP B 363 -17.59 -27.97 -1.06
CA ASP B 363 -18.54 -27.49 -0.08
C ASP B 363 -18.02 -26.36 0.81
N ILE B 364 -18.88 -25.38 1.05
CA ILE B 364 -18.55 -24.22 1.88
C ILE B 364 -19.33 -24.30 3.19
N LYS B 365 -18.66 -23.96 4.29
CA LYS B 365 -19.24 -24.01 5.60
C LYS B 365 -18.80 -22.85 6.50
N GLY B 366 -19.76 -22.19 7.13
CA GLY B 366 -19.44 -21.09 8.01
C GLY B 366 -19.69 -21.50 9.44
N GLN B 367 -18.89 -21.00 10.37
CA GLN B 367 -19.07 -21.34 11.76
C GLN B 367 -18.59 -20.18 12.64
N PHE B 368 -19.29 -19.91 13.74
CA PHE B 368 -18.88 -18.82 14.62
C PHE B 368 -18.03 -19.32 15.77
N TYR B 369 -17.07 -18.48 16.18
CA TYR B 369 -16.22 -18.79 17.33
C TYR B 369 -16.27 -17.61 18.27
N CYS B 370 -16.57 -17.88 19.55
CA CYS B 370 -16.68 -16.84 20.56
C CYS B 370 -16.79 -17.48 21.94
N SER B 371 -16.88 -16.65 22.98
CA SER B 371 -17.00 -17.12 24.36
C SER B 371 -18.07 -18.20 24.54
N ILE B 372 -17.89 -19.06 25.54
CA ILE B 372 -18.87 -20.12 25.80
C ILE B 372 -20.17 -19.54 26.34
N SER B 373 -20.06 -18.32 26.84
CA SER B 373 -21.17 -17.58 27.41
C SER B 373 -22.18 -17.23 26.32
N VAL B 374 -21.66 -16.73 25.20
CA VAL B 374 -22.48 -16.34 24.05
C VAL B 374 -23.77 -17.14 23.95
N PRO B 375 -24.91 -16.47 24.15
CA PRO B 375 -26.24 -17.06 24.10
C PRO B 375 -26.77 -17.06 22.67
N LEU B 376 -25.94 -17.50 21.73
CA LEU B 376 -26.32 -17.50 20.33
C LEU B 376 -27.29 -18.64 20.00
N ASP B 377 -28.36 -18.26 19.33
CA ASP B 377 -29.44 -19.16 18.90
C ASP B 377 -29.83 -18.45 17.61
N LEU B 378 -29.26 -18.89 16.50
CA LEU B 378 -29.47 -18.24 15.23
C LEU B 378 -29.79 -19.16 14.06
N TYR B 379 -30.54 -18.64 13.11
CA TYR B 379 -30.87 -19.38 11.91
C TYR B 379 -30.26 -18.60 10.77
N SER B 380 -29.96 -19.30 9.69
CA SER B 380 -29.40 -18.67 8.51
C SER B 380 -29.69 -19.61 7.34
N CYS B 381 -29.80 -19.02 6.16
CA CYS B 381 -30.07 -19.78 4.98
C CYS B 381 -29.43 -19.11 3.78
N ALA B 382 -29.13 -19.89 2.77
CA ALA B 382 -28.53 -19.37 1.55
C ALA B 382 -28.70 -20.43 0.46
N VAL B 383 -28.68 -20.01 -0.79
CA VAL B 383 -28.82 -20.92 -1.91
C VAL B 383 -27.45 -21.23 -2.51
N TYR B 384 -27.15 -22.51 -2.64
CA TYR B 384 -25.87 -22.94 -3.22
C TYR B 384 -26.10 -24.01 -4.27
N ALA B 385 -25.63 -23.76 -5.49
CA ALA B 385 -25.77 -24.70 -6.59
C ALA B 385 -27.24 -24.91 -6.93
N GLY B 386 -28.09 -23.96 -6.56
CA GLY B 386 -29.49 -24.09 -6.84
C GLY B 386 -30.18 -24.89 -5.77
N GLN B 387 -29.56 -24.94 -4.59
CA GLN B 387 -30.12 -25.68 -3.46
C GLN B 387 -30.19 -24.80 -2.22
N LEU B 388 -31.26 -24.98 -1.44
CA LEU B 388 -31.48 -24.22 -0.22
C LEU B 388 -30.91 -24.93 0.99
N ILE B 389 -30.00 -24.25 1.68
CA ILE B 389 -29.37 -24.79 2.86
C ILE B 389 -29.88 -24.03 4.07
N ILE B 390 -30.34 -24.75 5.08
CA ILE B 390 -30.82 -24.11 6.30
C ILE B 390 -29.94 -24.54 7.45
N GLU B 391 -29.49 -23.57 8.24
CA GLU B 391 -28.62 -23.81 9.37
C GLU B 391 -29.21 -23.33 10.70
N HIS B 392 -28.79 -23.93 11.80
CA HIS B 392 -29.27 -23.51 13.11
C HIS B 392 -28.03 -23.46 14.02
N HIS B 393 -27.55 -22.25 14.28
CA HIS B 393 -26.37 -22.06 15.11
C HIS B 393 -26.69 -21.88 16.59
N GLY B 394 -25.76 -22.34 17.42
CA GLY B 394 -25.92 -22.23 18.86
C GLY B 394 -26.06 -23.55 19.57
N HIS B 395 -26.01 -23.50 20.90
CA HIS B 395 -26.14 -24.68 21.74
C HIS B 395 -27.61 -25.00 21.95
N ILE B 396 -28.23 -25.57 20.93
CA ILE B 396 -29.64 -25.93 20.98
C ILE B 396 -29.85 -27.36 21.44
N ALA B 397 -30.93 -27.59 22.16
CA ALA B 397 -31.26 -28.92 22.65
C ALA B 397 -31.65 -29.78 21.45
N GLU B 398 -30.66 -30.43 20.85
CA GLU B 398 -30.86 -31.29 19.68
C GLU B 398 -31.34 -30.42 18.52
N PRO B 399 -30.42 -29.61 17.94
CA PRO B 399 -30.67 -28.70 16.82
C PRO B 399 -31.44 -29.27 15.64
N GLY B 400 -31.24 -30.56 15.36
CA GLY B 400 -31.91 -31.20 14.25
C GLY B 400 -33.42 -31.12 14.28
N LYS B 401 -33.98 -31.01 15.48
CA LYS B 401 -35.43 -30.95 15.68
C LYS B 401 -36.13 -29.90 14.84
N SER B 402 -35.98 -28.64 15.22
CA SER B 402 -36.61 -27.54 14.48
C SER B 402 -36.26 -27.61 12.99
N LEU B 403 -34.98 -27.65 12.67
CA LEU B 403 -34.55 -27.67 11.28
C LEU B 403 -35.24 -28.74 10.44
N GLU B 404 -35.47 -29.90 11.02
CA GLU B 404 -36.13 -30.98 10.31
C GLU B 404 -37.53 -30.57 9.90
N ALA B 405 -38.27 -29.98 10.83
CA ALA B 405 -39.64 -29.53 10.58
C ALA B 405 -39.68 -28.47 9.49
N ILE B 406 -38.78 -27.50 9.62
CA ILE B 406 -38.65 -26.42 8.66
C ILE B 406 -38.44 -27.05 7.29
N ARG B 407 -37.43 -27.90 7.19
CA ARG B 407 -37.13 -28.54 5.92
C ARG B 407 -38.36 -29.25 5.37
N SER B 408 -39.03 -30.03 6.21
CA SER B 408 -40.22 -30.74 5.76
C SER B 408 -41.26 -29.76 5.23
N LEU B 409 -41.56 -28.76 6.06
CA LEU B 409 -42.54 -27.77 5.69
C LEU B 409 -42.20 -27.11 4.35
N LEU B 410 -40.93 -26.82 4.13
CA LEU B 410 -40.51 -26.20 2.87
C LEU B 410 -40.59 -27.14 1.67
N CYS B 411 -40.75 -28.44 1.93
CA CYS B 411 -40.83 -29.39 0.83
C CYS B 411 -42.27 -29.75 0.51
N THR B 412 -43.13 -29.63 1.52
CA THR B 412 -44.52 -29.95 1.32
C THR B 412 -45.32 -28.75 0.84
N VAL B 413 -45.23 -27.63 1.55
CA VAL B 413 -45.97 -26.41 1.23
C VAL B 413 -46.12 -26.05 -0.25
N PRO B 414 -45.01 -26.00 -1.00
CA PRO B 414 -45.08 -25.65 -2.42
C PRO B 414 -46.12 -26.42 -3.25
N SER B 415 -46.51 -27.60 -2.79
CA SER B 415 -47.48 -28.41 -3.51
C SER B 415 -48.67 -28.85 -2.66
N GLU B 416 -48.58 -28.57 -1.37
CA GLU B 416 -49.61 -28.93 -0.41
C GLU B 416 -50.49 -27.75 -0.03
N TYR B 417 -50.25 -26.61 -0.66
CA TYR B 417 -51.01 -25.40 -0.38
C TYR B 417 -52.43 -25.57 -0.94
N GLY B 418 -53.32 -26.11 -0.10
CA GLY B 418 -54.70 -26.35 -0.51
C GLY B 418 -55.15 -27.77 -0.21
#